data_3NFW
#
_entry.id   3NFW
#
_cell.length_a   48.450
_cell.length_b   91.020
_cell.length_c   165.640
_cell.angle_alpha   90.00
_cell.angle_beta   90.00
_cell.angle_gamma   90.00
#
_symmetry.space_group_name_H-M   'P 21 21 21'
#
loop_
_entity.id
_entity.type
_entity.pdbx_description
1 polymer 'Flavin reductase-like, FMN-binding protein'
2 non-polymer GLYCEROL
3 water water
#
_entity_poly.entity_id   1
_entity_poly.type   'polypeptide(L)'
_entity_poly.pdbx_seq_one_letter_code
;MAHHHHHHMGTLEAQTQGPGSMVTAEAIDQRTFRRVLGQFCTGVTIITTVHEGNPVGFACQSFAALSLDPPLVLFCPTKV
SRSWKAIEASGRFCVNILHEKQQHVSARFGSREPDKFAGIDWRPSDLGSPIIDGSLAHIDCTVHDVHDGGDHFVVFGKVH
GLSEVPERKPRPLLFYRGEYTGIEPEKNTPAQWRDDLEAFLTATTADTWL
;
_entity_poly.pdbx_strand_id   A,B,C,D
#
loop_
_chem_comp.id
_chem_comp.type
_chem_comp.name
_chem_comp.formula
GOL non-polymer GLYCEROL 'C3 H8 O3'
#
# COMPACT_ATOMS: atom_id res chain seq x y z
N ALA A 25 19.11 -17.77 11.60
CA ALA A 25 18.29 -18.98 11.31
C ALA A 25 16.96 -18.63 10.65
N GLU A 26 16.46 -17.43 10.95
CA GLU A 26 15.27 -16.88 10.31
C GLU A 26 15.52 -16.68 8.81
N ALA A 27 16.66 -16.08 8.50
CA ALA A 27 17.04 -15.82 7.10
C ALA A 27 17.30 -17.10 6.31
N ILE A 28 17.87 -18.12 6.96
CA ILE A 28 18.05 -19.42 6.30
C ILE A 28 16.71 -20.10 6.01
N ASP A 29 15.77 -19.99 6.96
CA ASP A 29 14.42 -20.54 6.77
C ASP A 29 13.75 -19.91 5.56
N GLN A 30 13.94 -18.61 5.40
CA GLN A 30 13.36 -17.87 4.28
C GLN A 30 14.04 -18.26 2.95
N ARG A 31 15.36 -18.46 2.97
CA ARG A 31 16.10 -18.93 1.79
C ARG A 31 15.63 -20.32 1.31
N THR A 32 15.37 -21.22 2.26
CA THR A 32 14.78 -22.54 1.94
C THR A 32 13.40 -22.45 1.28
N PHE A 33 12.51 -21.62 1.82
CA PHE A 33 11.20 -21.37 1.18
C PHE A 33 11.41 -20.91 -0.28
N ARG A 34 12.27 -19.93 -0.49
CA ARG A 34 12.51 -19.43 -1.85
C ARG A 34 13.00 -20.51 -2.83
N ARG A 35 13.96 -21.33 -2.38
CA ARG A 35 14.54 -22.40 -3.21
C ARG A 35 13.55 -23.51 -3.56
N VAL A 36 12.87 -24.05 -2.54
CA VAL A 36 11.90 -25.13 -2.72
C VAL A 36 10.68 -24.68 -3.54
N LEU A 37 10.07 -23.55 -3.18
CA LEU A 37 8.94 -23.03 -3.99
C LEU A 37 9.33 -22.67 -5.44
N GLY A 38 10.61 -22.38 -5.65
CA GLY A 38 11.15 -22.15 -6.99
C GLY A 38 11.13 -23.38 -7.90
N GLN A 39 10.96 -24.58 -7.32
CA GLN A 39 10.79 -25.79 -8.14
C GLN A 39 9.48 -25.83 -8.93
N PHE A 40 8.49 -24.99 -8.55
CA PHE A 40 7.25 -24.85 -9.35
C PHE A 40 7.46 -23.80 -10.44
N CYS A 41 7.60 -24.28 -11.69
CA CYS A 41 7.85 -23.41 -12.84
C CYS A 41 6.60 -22.62 -13.19
N THR A 42 6.78 -21.36 -13.64
CA THR A 42 5.65 -20.48 -14.04
C THR A 42 5.98 -19.66 -15.29
N GLY A 43 4.95 -19.15 -15.96
CA GLY A 43 5.11 -18.01 -16.90
C GLY A 43 5.39 -16.69 -16.17
N VAL A 44 5.42 -15.59 -16.92
CA VAL A 44 5.71 -14.25 -16.39
C VAL A 44 4.67 -13.27 -16.98
N THR A 45 4.05 -12.46 -16.11
CA THR A 45 3.11 -11.42 -16.55
C THR A 45 3.63 -10.00 -16.20
N ILE A 46 3.21 -8.99 -16.98
CA ILE A 46 3.22 -7.59 -16.51
C ILE A 46 1.77 -7.13 -16.35
N ILE A 47 1.42 -6.69 -15.14
CA ILE A 47 0.04 -6.27 -14.79
C ILE A 47 0.04 -4.74 -14.70
N THR A 48 -0.86 -4.11 -15.47
CA THR A 48 -0.77 -2.66 -15.76
C THR A 48 -2.09 -1.90 -15.50
N THR A 49 -1.96 -0.58 -15.31
CA THR A 49 -3.11 0.36 -15.29
C THR A 49 -2.67 1.76 -15.77
N VAL A 50 -3.61 2.69 -15.85
CA VAL A 50 -3.31 4.11 -16.08
C VAL A 50 -3.98 4.82 -14.93
N HIS A 51 -3.22 5.66 -14.25
CA HIS A 51 -3.74 6.44 -13.12
C HIS A 51 -3.42 7.90 -13.36
N GLU A 52 -4.46 8.72 -13.48
CA GLU A 52 -4.32 10.13 -13.85
C GLU A 52 -3.33 10.34 -15.02
N GLY A 53 -3.57 9.63 -16.12
CA GLY A 53 -2.86 9.89 -17.37
C GLY A 53 -1.57 9.15 -17.71
N ASN A 54 -0.89 8.58 -16.71
CA ASN A 54 0.40 7.92 -16.93
CA ASN A 54 0.40 7.92 -16.92
C ASN A 54 0.33 6.40 -16.77
N PRO A 55 1.09 5.65 -17.61
CA PRO A 55 1.03 4.20 -17.46
C PRO A 55 1.83 3.69 -16.23
N VAL A 56 1.29 2.66 -15.57
CA VAL A 56 1.87 2.05 -14.36
C VAL A 56 1.89 0.52 -14.55
N GLY A 57 2.95 -0.16 -14.11
CA GLY A 57 2.94 -1.64 -14.11
C GLY A 57 3.93 -2.31 -13.18
N PHE A 58 3.76 -3.62 -12.98
CA PHE A 58 4.71 -4.45 -12.24
C PHE A 58 4.76 -5.88 -12.79
N ALA A 59 5.92 -6.54 -12.64
CA ALA A 59 6.09 -7.95 -13.01
C ALA A 59 5.53 -8.89 -11.93
N CYS A 60 4.88 -9.97 -12.35
CA CYS A 60 4.21 -10.89 -11.40
C CYS A 60 4.24 -12.36 -11.89
N GLN A 61 4.59 -13.30 -11.01
CA GLN A 61 4.45 -14.74 -11.33
C GLN A 61 3.35 -15.48 -10.55
N SER A 62 2.77 -14.83 -9.53
CA SER A 62 1.74 -15.43 -8.66
C SER A 62 0.34 -15.23 -9.25
N PHE A 63 0.21 -15.66 -10.50
CA PHE A 63 -1.00 -15.50 -11.32
C PHE A 63 -1.65 -16.87 -11.57
N ALA A 64 -3.00 -16.91 -11.65
CA ALA A 64 -3.72 -18.14 -12.03
C ALA A 64 -5.11 -17.88 -12.63
N ALA A 65 -5.53 -18.74 -13.56
CA ALA A 65 -6.96 -18.81 -13.93
C ALA A 65 -7.77 -19.34 -12.72
N LEU A 66 -8.91 -18.71 -12.42
CA LEU A 66 -9.72 -19.02 -11.21
C LEU A 66 -11.09 -19.66 -11.47
N SER A 67 -11.89 -19.07 -12.37
CA SER A 67 -13.28 -19.52 -12.56
C SER A 67 -13.72 -19.31 -14.00
N LEU A 68 -14.56 -20.20 -14.51
CA LEU A 68 -15.11 -20.07 -15.86
C LEU A 68 -16.44 -19.30 -15.86
N ASP A 69 -17.32 -19.62 -14.91
CA ASP A 69 -18.61 -18.98 -14.77
C ASP A 69 -18.86 -18.59 -13.31
N PRO A 70 -18.68 -17.28 -12.97
CA PRO A 70 -18.26 -16.16 -13.85
C PRO A 70 -16.78 -16.26 -14.21
N PRO A 71 -16.35 -15.56 -15.30
CA PRO A 71 -14.93 -15.63 -15.70
C PRO A 71 -14.03 -14.78 -14.79
N LEU A 72 -13.17 -15.45 -14.01
CA LEU A 72 -12.28 -14.78 -13.04
C LEU A 72 -10.84 -15.25 -13.15
N VAL A 73 -9.93 -14.32 -12.80
CA VAL A 73 -8.49 -14.63 -12.58
C VAL A 73 -8.05 -14.16 -11.17
N LEU A 74 -6.86 -14.58 -10.73
CA LEU A 74 -6.26 -14.00 -9.51
C LEU A 74 -4.78 -13.65 -9.66
N PHE A 75 -4.33 -12.69 -8.85
CA PHE A 75 -2.87 -12.40 -8.70
C PHE A 75 -2.56 -11.94 -7.28
N CYS A 76 -1.29 -12.07 -6.87
CA CYS A 76 -0.90 -11.84 -5.47
C CYS A 76 0.22 -10.80 -5.36
N PRO A 77 -0.13 -9.50 -5.19
CA PRO A 77 0.91 -8.48 -4.96
C PRO A 77 1.40 -8.45 -3.50
N THR A 78 2.61 -7.92 -3.27
CA THR A 78 3.08 -7.72 -1.88
C THR A 78 2.26 -6.62 -1.17
N LYS A 79 2.21 -6.65 0.15
CA LYS A 79 1.51 -5.63 0.94
C LYS A 79 2.23 -4.28 0.87
N VAL A 80 3.50 -4.31 0.46
CA VAL A 80 4.30 -3.07 0.28
C VAL A 80 4.37 -2.53 -1.17
N SER A 81 3.65 -3.17 -2.10
CA SER A 81 3.64 -2.78 -3.52
C SER A 81 3.02 -1.41 -3.82
N ARG A 82 3.78 -0.52 -4.47
CA ARG A 82 3.25 0.77 -4.92
C ARG A 82 2.35 0.62 -6.15
N SER A 83 2.69 -0.33 -7.02
CA SER A 83 1.93 -0.55 -8.25
C SER A 83 0.50 -1.05 -8.01
N TRP A 84 0.35 -2.01 -7.08
CA TRP A 84 -1.00 -2.45 -6.68
C TRP A 84 -1.89 -1.29 -6.19
N LYS A 85 -1.32 -0.33 -5.45
CA LYS A 85 -2.15 0.78 -4.97
C LYS A 85 -2.74 1.65 -6.09
N ALA A 86 -2.00 1.81 -7.19
CA ALA A 86 -2.57 2.46 -8.39
C ALA A 86 -3.72 1.67 -9.06
N ILE A 87 -3.59 0.34 -9.12
CA ILE A 87 -4.67 -0.54 -9.60
C ILE A 87 -5.91 -0.47 -8.68
N GLU A 88 -5.69 -0.53 -7.37
CA GLU A 88 -6.80 -0.42 -6.41
C GLU A 88 -7.57 0.90 -6.58
N ALA A 89 -6.84 1.99 -6.88
CA ALA A 89 -7.45 3.30 -7.06
C ALA A 89 -8.27 3.39 -8.35
N SER A 90 -7.77 2.83 -9.45
CA SER A 90 -8.49 2.90 -10.72
C SER A 90 -9.60 1.86 -10.81
N GLY A 91 -9.41 0.73 -10.11
CA GLY A 91 -10.34 -0.41 -10.20
C GLY A 91 -10.26 -1.26 -11.48
N ARG A 92 -9.23 -1.03 -12.30
CA ARG A 92 -9.07 -1.67 -13.62
C ARG A 92 -7.61 -2.12 -13.82
N PHE A 93 -7.40 -3.26 -14.49
CA PHE A 93 -6.05 -3.70 -14.87
C PHE A 93 -6.05 -4.60 -16.11
N CYS A 94 -4.91 -4.63 -16.82
CA CYS A 94 -4.68 -5.60 -17.90
C CYS A 94 -3.53 -6.55 -17.52
N VAL A 95 -3.72 -7.84 -17.75
CA VAL A 95 -2.65 -8.86 -17.59
C VAL A 95 -1.99 -9.15 -18.97
N ASN A 96 -0.70 -8.85 -19.08
CA ASN A 96 0.09 -9.19 -20.30
C ASN A 96 0.95 -10.45 -20.07
N ILE A 97 0.65 -11.52 -20.80
CA ILE A 97 1.45 -12.78 -20.72
C ILE A 97 2.65 -12.73 -21.70
N LEU A 98 3.87 -12.86 -21.18
CA LEU A 98 5.08 -12.52 -21.95
C LEU A 98 5.65 -13.67 -22.80
N HIS A 99 6.12 -13.31 -24.00
CA HIS A 99 6.88 -14.15 -24.93
C HIS A 99 8.36 -14.20 -24.50
N GLU A 100 9.07 -15.27 -24.87
CA GLU A 100 10.50 -15.39 -24.51
C GLU A 100 11.37 -14.22 -25.06
N LYS A 101 10.97 -13.64 -26.20
CA LYS A 101 11.67 -12.46 -26.73
C LYS A 101 11.53 -11.19 -25.85
N GLN A 102 10.64 -11.24 -24.85
CA GLN A 102 10.40 -10.08 -23.96
C GLN A 102 11.15 -10.18 -22.61
N GLN A 103 12.22 -10.97 -22.53
CA GLN A 103 13.02 -11.04 -21.28
C GLN A 103 13.45 -9.64 -20.77
N HIS A 104 13.74 -8.73 -21.72
CA HIS A 104 14.15 -7.33 -21.44
C HIS A 104 13.07 -6.48 -20.75
N VAL A 105 11.82 -6.73 -21.12
CA VAL A 105 10.64 -6.09 -20.52
C VAL A 105 10.52 -6.49 -19.05
N SER A 106 10.59 -7.80 -18.77
CA SER A 106 10.53 -8.30 -17.40
C SER A 106 11.64 -7.68 -16.52
N ALA A 107 12.87 -7.70 -17.04
CA ALA A 107 14.02 -7.10 -16.35
C ALA A 107 13.83 -5.62 -16.05
N ARG A 108 13.26 -4.88 -17.01
CA ARG A 108 12.97 -3.45 -16.82
C ARG A 108 11.99 -3.19 -15.67
N PHE A 109 10.91 -3.96 -15.62
CA PHE A 109 9.92 -3.78 -14.57
C PHE A 109 10.42 -4.21 -13.18
N GLY A 110 11.42 -5.08 -13.17
CA GLY A 110 12.05 -5.56 -11.92
C GLY A 110 13.05 -4.61 -11.30
N SER A 111 13.44 -3.57 -12.04
CA SER A 111 14.48 -2.64 -11.62
C SER A 111 13.92 -1.43 -10.86
N ARG A 112 14.81 -0.53 -10.43
CA ARG A 112 14.40 0.71 -9.77
C ARG A 112 14.40 1.90 -10.73
N GLU A 113 14.66 1.63 -12.01
CA GLU A 113 14.68 2.66 -13.04
C GLU A 113 13.34 3.39 -13.18
N PRO A 114 13.38 4.72 -13.34
CA PRO A 114 12.16 5.49 -13.58
C PRO A 114 11.67 5.39 -15.03
N ASP A 115 10.41 5.79 -15.26
CA ASP A 115 9.78 5.78 -16.59
C ASP A 115 9.93 4.41 -17.27
N LYS A 116 9.23 3.42 -16.72
CA LYS A 116 9.40 2.03 -17.14
C LYS A 116 8.87 1.69 -18.54
N PHE A 117 7.94 2.49 -19.06
CA PHE A 117 7.38 2.26 -20.41
C PHE A 117 8.18 2.93 -21.54
N ALA A 118 9.25 3.65 -21.21
CA ALA A 118 10.08 4.29 -22.24
C ALA A 118 10.72 3.25 -23.17
N GLY A 119 10.56 3.45 -24.47
CA GLY A 119 11.10 2.49 -25.44
C GLY A 119 10.31 1.18 -25.59
N ILE A 120 9.21 1.07 -24.86
CA ILE A 120 8.32 -0.08 -24.95
C ILE A 120 6.98 0.37 -25.56
N ASP A 121 6.63 -0.21 -26.71
CA ASP A 121 5.39 0.10 -27.42
C ASP A 121 4.18 -0.48 -26.70
N TRP A 122 3.14 0.35 -26.56
CA TRP A 122 1.89 -0.03 -25.87
C TRP A 122 0.67 0.74 -26.38
N ARG A 123 -0.52 0.19 -26.14
CA ARG A 123 -1.79 0.83 -26.54
C ARG A 123 -2.84 0.61 -25.45
N PRO A 124 -3.81 1.55 -25.28
CA PRO A 124 -4.88 1.30 -24.30
C PRO A 124 -5.86 0.19 -24.70
N SER A 125 -6.30 -0.61 -23.73
CA SER A 125 -7.35 -1.61 -23.93
C SER A 125 -8.72 -0.91 -24.01
N ASP A 126 -9.78 -1.68 -24.27
CA ASP A 126 -11.14 -1.10 -24.28
C ASP A 126 -11.50 -0.37 -22.97
N LEU A 127 -10.91 -0.81 -21.85
CA LEU A 127 -11.16 -0.19 -20.53
C LEU A 127 -10.08 0.85 -20.12
N GLY A 128 -9.07 1.03 -20.98
CA GLY A 128 -8.07 2.07 -20.77
C GLY A 128 -6.70 1.63 -20.24
N SER A 129 -6.53 0.33 -19.99
CA SER A 129 -5.29 -0.21 -19.38
C SER A 129 -4.24 -0.58 -20.42
N PRO A 130 -2.93 -0.37 -20.12
CA PRO A 130 -1.90 -0.67 -21.14
C PRO A 130 -1.71 -2.14 -21.61
N ILE A 131 -1.87 -2.34 -22.92
CA ILE A 131 -1.51 -3.61 -23.60
C ILE A 131 -0.10 -3.44 -24.20
N ILE A 132 0.84 -4.29 -23.80
CA ILE A 132 2.23 -4.23 -24.31
C ILE A 132 2.36 -5.00 -25.64
N ASP A 133 2.81 -4.33 -26.69
CA ASP A 133 3.01 -4.97 -28.00
C ASP A 133 4.04 -6.12 -27.94
N GLY A 134 3.80 -7.20 -28.67
CA GLY A 134 4.71 -8.34 -28.70
C GLY A 134 4.43 -9.42 -27.66
N SER A 135 3.37 -9.24 -26.87
CA SER A 135 2.98 -10.27 -25.88
C SER A 135 2.26 -11.46 -26.54
N LEU A 136 2.27 -12.60 -25.85
CA LEU A 136 1.52 -13.78 -26.32
C LEU A 136 0.00 -13.58 -26.24
N ALA A 137 -0.46 -12.89 -25.19
CA ALA A 137 -1.91 -12.72 -24.91
C ALA A 137 -2.13 -11.58 -23.92
N HIS A 138 -3.35 -11.04 -23.89
CA HIS A 138 -3.72 -10.06 -22.84
C HIS A 138 -5.15 -10.31 -22.34
N ILE A 139 -5.40 -9.89 -21.10
CA ILE A 139 -6.69 -10.10 -20.43
C ILE A 139 -7.11 -8.77 -19.77
N ASP A 140 -8.26 -8.23 -20.19
CA ASP A 140 -8.78 -6.92 -19.72
C ASP A 140 -9.78 -7.10 -18.56
N CYS A 141 -9.45 -6.57 -17.38
CA CYS A 141 -10.15 -6.89 -16.11
C CYS A 141 -10.58 -5.69 -15.25
N THR A 142 -11.58 -5.91 -14.38
CA THR A 142 -11.84 -5.04 -13.22
C THR A 142 -11.53 -5.75 -11.88
N VAL A 143 -11.23 -4.99 -10.83
CA VAL A 143 -11.05 -5.56 -9.47
C VAL A 143 -12.42 -6.04 -8.93
N HIS A 144 -12.50 -7.33 -8.59
CA HIS A 144 -13.73 -8.01 -8.17
C HIS A 144 -13.80 -8.20 -6.64
N ASP A 145 -12.68 -8.58 -6.03
CA ASP A 145 -12.58 -8.78 -4.58
C ASP A 145 -11.10 -8.76 -4.14
N VAL A 146 -10.85 -8.52 -2.86
CA VAL A 146 -9.49 -8.48 -2.27
C VAL A 146 -9.51 -9.17 -0.91
N HIS A 147 -8.53 -10.05 -0.66
CA HIS A 147 -8.37 -10.75 0.63
C HIS A 147 -6.95 -10.61 1.23
N ASP A 148 -6.85 -10.66 2.56
CA ASP A 148 -5.55 -10.70 3.24
C ASP A 148 -4.85 -12.04 3.01
N GLY A 149 -3.55 -11.99 2.68
CA GLY A 149 -2.76 -13.20 2.38
C GLY A 149 -1.39 -13.17 3.05
N GLY A 150 -1.36 -12.93 4.35
CA GLY A 150 -0.12 -12.83 5.12
C GLY A 150 0.66 -11.56 4.85
N ASP A 151 1.85 -11.69 4.25
CA ASP A 151 2.59 -10.50 3.82
C ASP A 151 2.26 -10.07 2.36
N HIS A 152 1.27 -10.74 1.77
CA HIS A 152 0.73 -10.41 0.42
C HIS A 152 -0.79 -10.17 0.50
N PHE A 153 -1.37 -9.63 -0.57
CA PHE A 153 -2.83 -9.65 -0.78
C PHE A 153 -3.13 -10.73 -1.84
N VAL A 154 -4.37 -11.22 -1.85
CA VAL A 154 -4.89 -11.99 -3.02
C VAL A 154 -5.99 -11.17 -3.71
N VAL A 155 -5.82 -10.87 -5.00
CA VAL A 155 -6.75 -9.99 -5.75
C VAL A 155 -7.49 -10.82 -6.80
N PHE A 156 -8.83 -10.80 -6.78
CA PHE A 156 -9.61 -11.44 -7.85
C PHE A 156 -9.98 -10.39 -8.91
N GLY A 157 -9.85 -10.75 -10.17
CA GLY A 157 -10.32 -9.92 -11.29
C GLY A 157 -11.45 -10.54 -12.11
N LYS A 158 -12.42 -9.71 -12.50
CA LYS A 158 -13.48 -10.12 -13.45
C LYS A 158 -13.03 -9.80 -14.87
N VAL A 159 -13.11 -10.79 -15.75
CA VAL A 159 -12.65 -10.67 -17.15
C VAL A 159 -13.75 -10.05 -18.04
N HIS A 160 -13.41 -8.97 -18.76
CA HIS A 160 -14.35 -8.28 -19.68
C HIS A 160 -13.98 -8.42 -21.16
N GLY A 161 -12.73 -8.81 -21.42
CA GLY A 161 -12.25 -9.07 -22.79
C GLY A 161 -10.89 -9.75 -22.75
N LEU A 162 -10.56 -10.50 -23.80
CA LEU A 162 -9.25 -11.16 -23.89
C LEU A 162 -8.95 -11.66 -25.30
N SER A 163 -7.66 -11.81 -25.62
CA SER A 163 -7.24 -12.34 -26.92
CA SER A 163 -7.22 -12.25 -26.95
C SER A 163 -5.77 -12.74 -26.95
N GLU A 164 -5.43 -13.60 -27.92
CA GLU A 164 -4.04 -13.99 -28.23
C GLU A 164 -3.66 -13.44 -29.61
N VAL A 165 -2.39 -13.06 -29.79
CA VAL A 165 -1.91 -12.51 -31.07
C VAL A 165 -1.71 -13.64 -32.09
N PRO A 166 -2.40 -13.57 -33.25
CA PRO A 166 -2.25 -14.63 -34.26
C PRO A 166 -0.87 -14.62 -34.92
N GLU A 167 -0.40 -15.81 -35.32
CA GLU A 167 0.86 -16.01 -36.06
C GLU A 167 2.17 -15.74 -35.30
N ARG A 168 2.09 -15.28 -34.05
CA ARG A 168 3.24 -15.21 -33.15
C ARG A 168 3.58 -16.62 -32.66
N LYS A 169 4.85 -17.02 -32.75
CA LYS A 169 5.23 -18.40 -32.40
C LYS A 169 5.03 -18.66 -30.90
N PRO A 170 4.42 -19.80 -30.55
CA PRO A 170 4.11 -20.09 -29.14
C PRO A 170 5.35 -20.53 -28.32
N ARG A 171 6.08 -19.52 -27.81
CA ARG A 171 7.30 -19.72 -27.04
C ARG A 171 7.24 -18.81 -25.79
N PRO A 172 6.71 -19.33 -24.65
CA PRO A 172 6.50 -18.49 -23.45
C PRO A 172 7.77 -18.20 -22.64
N LEU A 173 7.85 -17.01 -22.04
CA LEU A 173 8.92 -16.73 -21.06
C LEU A 173 8.64 -17.45 -19.74
N LEU A 174 9.62 -18.23 -19.27
CA LEU A 174 9.46 -18.99 -18.00
C LEU A 174 10.35 -18.48 -16.88
N PHE A 175 9.99 -18.83 -15.64
CA PHE A 175 10.82 -18.55 -14.45
C PHE A 175 10.85 -19.83 -13.60
N TYR A 176 12.06 -20.31 -13.31
CA TYR A 176 12.27 -21.65 -12.67
C TYR A 176 13.56 -21.61 -11.84
N ARG A 177 13.44 -21.97 -10.56
CA ARG A 177 14.59 -21.92 -9.60
C ARG A 177 15.40 -20.60 -9.66
N GLY A 178 14.69 -19.48 -9.74
CA GLY A 178 15.34 -18.16 -9.70
C GLY A 178 15.94 -17.67 -11.00
N GLU A 179 15.72 -18.38 -12.11
CA GLU A 179 16.29 -18.02 -13.43
C GLU A 179 15.22 -17.98 -14.53
N TYR A 180 15.45 -17.18 -15.58
CA TYR A 180 14.60 -17.21 -16.77
C TYR A 180 14.91 -18.44 -17.59
N THR A 181 13.89 -19.00 -18.24
CA THR A 181 14.12 -20.11 -19.20
C THR A 181 13.01 -20.15 -20.28
N GLY A 182 12.92 -21.25 -21.01
CA GLY A 182 11.86 -21.46 -22.02
C GLY A 182 11.66 -22.94 -22.32
N ILE A 183 10.68 -23.23 -23.19
CA ILE A 183 10.35 -24.65 -23.54
C ILE A 183 11.22 -25.28 -24.64
N GLU A 184 11.21 -26.62 -24.69
CA GLU A 184 11.73 -27.37 -25.83
C GLU A 184 10.51 -27.89 -26.59
N PRO A 185 10.19 -27.30 -27.75
CA PRO A 185 8.92 -27.67 -28.41
C PRO A 185 8.83 -29.14 -28.87
N GLU A 186 9.97 -29.83 -29.00
CA GLU A 186 9.96 -31.25 -29.36
C GLU A 186 9.36 -32.15 -28.25
N LYS A 187 9.27 -31.61 -27.04
CA LYS A 187 8.67 -32.32 -25.88
C LYS A 187 7.13 -32.20 -25.79
N ASN A 188 6.51 -31.38 -26.64
CA ASN A 188 5.04 -31.14 -26.58
C ASN A 188 4.25 -32.45 -26.77
N THR A 189 3.38 -32.80 -25.82
CA THR A 189 2.69 -34.10 -25.81
C THR A 189 1.18 -33.92 -25.51
N PRO A 190 0.28 -34.48 -26.33
CA PRO A 190 -1.17 -34.39 -26.06
C PRO A 190 -1.57 -34.98 -24.71
N ALA A 191 -2.58 -34.39 -24.07
CA ALA A 191 -3.04 -34.84 -22.75
C ALA A 191 -4.52 -35.21 -22.80
N GLN A 192 -4.85 -36.39 -22.28
CA GLN A 192 -6.24 -36.87 -22.21
C GLN A 192 -6.74 -36.82 -20.76
N TRP A 193 -8.00 -36.42 -20.54
CA TRP A 193 -8.61 -36.29 -19.20
C TRP A 193 -9.98 -36.95 -19.18
N ARG A 194 -10.31 -37.64 -18.08
CA ARG A 194 -11.63 -38.28 -17.88
C ARG A 194 -12.35 -37.85 -16.60
N ASP A 195 -11.59 -37.44 -15.57
CA ASP A 195 -12.21 -37.03 -14.28
C ASP A 195 -12.78 -35.60 -14.34
N ASP A 196 -14.06 -35.49 -14.67
CA ASP A 196 -14.68 -34.18 -14.85
C ASP A 196 -14.72 -33.37 -13.54
N LEU A 197 -14.72 -34.05 -12.40
CA LEU A 197 -14.80 -33.34 -11.11
C LEU A 197 -13.55 -32.54 -10.76
N GLU A 198 -12.45 -32.83 -11.46
CA GLU A 198 -11.15 -32.21 -11.15
C GLU A 198 -10.49 -31.53 -12.35
N ALA A 199 -11.32 -31.16 -13.34
CA ALA A 199 -10.81 -30.63 -14.62
C ALA A 199 -9.99 -29.35 -14.48
N PHE A 200 -8.83 -29.29 -15.16
CA PHE A 200 -8.08 -28.01 -15.33
C PHE A 200 -8.95 -27.00 -16.13
N LEU A 201 -8.87 -25.71 -15.77
CA LEU A 201 -9.56 -24.65 -16.54
C LEU A 201 -9.05 -24.49 -17.98
N THR A 202 -7.82 -24.94 -18.25
CA THR A 202 -7.17 -24.77 -19.56
C THR A 202 -7.11 -26.03 -20.44
N ALA A 203 -7.82 -27.08 -20.02
CA ALA A 203 -7.93 -28.29 -20.87
C ALA A 203 -9.31 -28.29 -21.50
N VAL B 23 -28.52 -6.80 -13.66
CA VAL B 23 -28.56 -7.51 -14.98
C VAL B 23 -27.38 -8.49 -15.13
N THR B 24 -27.70 -9.76 -15.35
CA THR B 24 -26.70 -10.83 -15.51
C THR B 24 -26.13 -10.79 -16.93
N ALA B 25 -24.81 -10.65 -17.05
CA ALA B 25 -24.14 -10.51 -18.35
C ALA B 25 -23.31 -11.73 -18.73
N GLU B 26 -23.49 -12.20 -19.97
CA GLU B 26 -22.64 -13.27 -20.53
C GLU B 26 -21.97 -12.77 -21.79
N ALA B 27 -20.70 -12.36 -21.65
CA ALA B 27 -19.96 -11.71 -22.73
C ALA B 27 -18.68 -12.45 -23.15
N ILE B 28 -18.21 -13.39 -22.32
CA ILE B 28 -16.96 -14.15 -22.58
C ILE B 28 -17.22 -15.59 -23.06
N ASP B 29 -16.78 -15.92 -24.28
CA ASP B 29 -16.92 -17.27 -24.86
C ASP B 29 -16.00 -18.26 -24.14
N GLN B 30 -16.53 -19.43 -23.79
CA GLN B 30 -15.78 -20.38 -22.94
C GLN B 30 -14.59 -21.02 -23.65
N ARG B 31 -14.74 -21.29 -24.95
CA ARG B 31 -13.63 -21.82 -25.77
C ARG B 31 -12.47 -20.80 -25.83
N THR B 32 -12.80 -19.52 -25.99
CA THR B 32 -11.80 -18.45 -26.01
C THR B 32 -11.09 -18.35 -24.65
N PHE B 33 -11.84 -18.43 -23.55
CA PHE B 33 -11.23 -18.41 -22.20
C PHE B 33 -10.18 -19.54 -22.05
N ARG B 34 -10.55 -20.75 -22.45
CA ARG B 34 -9.61 -21.88 -22.29
C ARG B 34 -8.36 -21.71 -23.14
N ARG B 35 -8.54 -21.22 -24.37
CA ARG B 35 -7.44 -21.02 -25.31
C ARG B 35 -6.47 -19.96 -24.79
N VAL B 36 -7.01 -18.79 -24.42
CA VAL B 36 -6.16 -17.66 -23.98
C VAL B 36 -5.47 -17.91 -22.64
N LEU B 37 -6.21 -18.39 -21.63
CA LEU B 37 -5.60 -18.69 -20.31
C LEU B 37 -4.54 -19.81 -20.40
N GLY B 38 -4.65 -20.68 -21.41
CA GLY B 38 -3.60 -21.70 -21.65
C GLY B 38 -2.25 -21.16 -22.10
N GLN B 39 -2.21 -19.89 -22.50
CA GLN B 39 -0.93 -19.25 -22.83
C GLN B 39 -0.05 -18.98 -21.61
N PHE B 40 -0.62 -19.01 -20.39
CA PHE B 40 0.19 -18.97 -19.16
C PHE B 40 0.65 -20.39 -18.77
N CYS B 41 1.95 -20.65 -18.98
CA CYS B 41 2.55 -21.96 -18.71
C CYS B 41 2.67 -22.18 -17.19
N THR B 42 2.54 -23.44 -16.78
CA THR B 42 2.66 -23.83 -15.34
C THR B 42 3.40 -25.17 -15.15
N GLY B 43 3.89 -25.40 -13.93
CA GLY B 43 4.21 -26.75 -13.47
C GLY B 43 2.96 -27.60 -13.27
N VAL B 44 3.14 -28.84 -12.83
CA VAL B 44 2.03 -29.76 -12.51
C VAL B 44 2.25 -30.35 -11.14
N THR B 45 1.20 -30.29 -10.29
CA THR B 45 1.24 -30.85 -8.91
C THR B 45 0.26 -31.99 -8.74
N ILE B 46 0.55 -32.89 -7.79
CA ILE B 46 -0.46 -33.80 -7.22
C ILE B 46 -0.65 -33.41 -5.75
N ILE B 47 -1.88 -33.00 -5.39
CA ILE B 47 -2.21 -32.55 -4.04
C ILE B 47 -2.99 -33.68 -3.30
N THR B 48 -2.47 -34.08 -2.13
CA THR B 48 -2.87 -35.35 -1.47
C THR B 48 -3.25 -35.22 0.01
N THR B 49 -4.00 -36.21 0.53
CA THR B 49 -4.30 -36.34 1.97
C THR B 49 -4.58 -37.83 2.30
N VAL B 50 -4.86 -38.12 3.56
CA VAL B 50 -5.45 -39.40 3.98
C VAL B 50 -6.79 -39.09 4.67
N HIS B 51 -7.83 -39.81 4.26
CA HIS B 51 -9.21 -39.63 4.77
C HIS B 51 -9.90 -41.00 4.83
N GLU B 52 -10.50 -41.30 5.99
CA GLU B 52 -11.19 -42.59 6.22
C GLU B 52 -10.36 -43.81 5.80
N GLY B 53 -9.08 -43.79 6.17
CA GLY B 53 -8.16 -44.91 5.93
C GLY B 53 -7.67 -45.13 4.51
N ASN B 54 -7.91 -44.15 3.63
CA ASN B 54 -7.45 -44.27 2.24
C ASN B 54 -6.62 -43.06 1.80
N PRO B 55 -5.58 -43.28 0.96
CA PRO B 55 -4.92 -42.11 0.35
C PRO B 55 -5.83 -41.50 -0.74
N VAL B 56 -5.83 -40.17 -0.84
CA VAL B 56 -6.71 -39.46 -1.78
C VAL B 56 -5.88 -38.35 -2.43
N GLY B 57 -6.04 -38.14 -3.75
CA GLY B 57 -5.32 -37.02 -4.39
C GLY B 57 -5.89 -36.62 -5.73
N PHE B 58 -5.45 -35.46 -6.21
CA PHE B 58 -5.83 -34.94 -7.56
C PHE B 58 -4.70 -34.14 -8.23
N ALA B 59 -4.72 -34.09 -9.58
CA ALA B 59 -3.81 -33.21 -10.35
C ALA B 59 -4.29 -31.74 -10.35
N CYS B 60 -3.35 -30.80 -10.21
CA CYS B 60 -3.70 -29.37 -10.08
C CYS B 60 -2.60 -28.47 -10.66
N GLN B 61 -3.00 -27.48 -11.49
CA GLN B 61 -2.05 -26.43 -11.98
C GLN B 61 -2.30 -25.05 -11.34
N SER B 62 -3.40 -24.91 -10.59
CA SER B 62 -3.83 -23.64 -9.98
C SER B 62 -3.17 -23.37 -8.61
N PHE B 63 -1.86 -23.58 -8.54
CA PHE B 63 -1.06 -23.50 -7.30
C PHE B 63 -0.17 -22.26 -7.35
N ALA B 64 0.08 -21.63 -6.18
CA ALA B 64 1.05 -20.51 -6.08
C ALA B 64 1.68 -20.39 -4.69
N ALA B 65 2.94 -19.96 -4.65
CA ALA B 65 3.54 -19.45 -3.41
C ALA B 65 2.83 -18.14 -3.04
N LEU B 66 2.43 -17.98 -1.77
CA LEU B 66 1.61 -16.83 -1.31
C LEU B 66 2.33 -15.83 -0.36
N SER B 67 2.95 -16.32 0.70
CA SER B 67 3.52 -15.45 1.77
C SER B 67 4.79 -16.04 2.39
N LEU B 68 5.74 -15.17 2.76
CA LEU B 68 6.97 -15.56 3.41
C LEU B 68 6.83 -15.60 4.95
N ASP B 69 6.24 -14.53 5.51
CA ASP B 69 6.01 -14.37 6.97
C ASP B 69 4.56 -13.92 7.24
N PRO B 70 3.68 -14.88 7.61
CA PRO B 70 3.91 -16.31 7.83
C PRO B 70 4.07 -17.11 6.51
N PRO B 71 4.67 -18.32 6.53
CA PRO B 71 4.84 -19.11 5.29
C PRO B 71 3.51 -19.75 4.82
N LEU B 72 2.99 -19.28 3.68
CA LEU B 72 1.71 -19.76 3.14
C LEU B 72 1.82 -20.09 1.65
N VAL B 73 0.95 -21.01 1.22
CA VAL B 73 0.73 -21.30 -0.21
C VAL B 73 -0.77 -21.28 -0.49
N LEU B 74 -1.16 -21.29 -1.76
CA LEU B 74 -2.58 -21.46 -2.12
C LEU B 74 -2.79 -22.44 -3.28
N PHE B 75 -3.98 -23.05 -3.34
CA PHE B 75 -4.44 -23.82 -4.51
C PHE B 75 -5.94 -23.64 -4.72
N CYS B 76 -6.43 -23.94 -5.92
CA CYS B 76 -7.83 -23.67 -6.25
C CYS B 76 -8.54 -24.93 -6.80
N PRO B 77 -9.17 -25.74 -5.93
CA PRO B 77 -9.98 -26.87 -6.41
C PRO B 77 -11.34 -26.42 -6.98
N THR B 78 -11.95 -27.23 -7.84
CA THR B 78 -13.32 -26.94 -8.29
C THR B 78 -14.30 -27.06 -7.11
N LYS B 79 -15.47 -26.41 -7.21
CA LYS B 79 -16.49 -26.55 -6.15
C LYS B 79 -17.07 -27.98 -6.04
N VAL B 80 -16.91 -28.77 -7.12
CA VAL B 80 -17.45 -30.14 -7.18
C VAL B 80 -16.38 -31.23 -6.91
N SER B 81 -15.18 -30.79 -6.50
CA SER B 81 -14.02 -31.70 -6.29
C SER B 81 -14.25 -32.77 -5.22
N ARG B 82 -14.02 -34.02 -5.59
CA ARG B 82 -13.97 -35.15 -4.63
C ARG B 82 -12.81 -35.05 -3.62
N SER B 83 -11.62 -34.71 -4.12
CA SER B 83 -10.44 -34.55 -3.25
C SER B 83 -10.60 -33.43 -2.24
N TRP B 84 -11.19 -32.29 -2.63
CA TRP B 84 -11.36 -31.19 -1.68
C TRP B 84 -12.23 -31.60 -0.49
N LYS B 85 -13.29 -32.38 -0.73
CA LYS B 85 -14.11 -32.85 0.40
C LYS B 85 -13.29 -33.62 1.45
N ALA B 86 -12.36 -34.45 0.97
CA ALA B 86 -11.45 -35.23 1.84
C ALA B 86 -10.43 -34.34 2.57
N ILE B 87 -9.87 -33.36 1.87
CA ILE B 87 -8.91 -32.41 2.46
C ILE B 87 -9.55 -31.53 3.52
N GLU B 88 -10.74 -31.00 3.21
CA GLU B 88 -11.54 -30.24 4.16
C GLU B 88 -11.83 -31.01 5.46
N ALA B 89 -12.19 -32.29 5.32
CA ALA B 89 -12.48 -33.13 6.49
C ALA B 89 -11.25 -33.46 7.36
N SER B 90 -10.10 -33.77 6.71
CA SER B 90 -8.87 -34.15 7.42
C SER B 90 -8.12 -32.94 8.00
N GLY B 91 -8.25 -31.79 7.36
CA GLY B 91 -7.53 -30.58 7.78
C GLY B 91 -6.08 -30.41 7.31
N ARG B 92 -5.61 -31.29 6.43
CA ARG B 92 -4.20 -31.25 6.00
C ARG B 92 -4.06 -31.69 4.53
N PHE B 93 -2.96 -31.28 3.89
CA PHE B 93 -2.60 -31.71 2.52
C PHE B 93 -1.10 -31.60 2.24
N CYS B 94 -0.59 -32.42 1.32
CA CYS B 94 0.77 -32.32 0.80
C CYS B 94 0.76 -31.96 -0.69
N VAL B 95 1.59 -30.98 -1.08
CA VAL B 95 1.72 -30.60 -2.50
C VAL B 95 3.00 -31.26 -3.08
N ASN B 96 2.85 -32.11 -4.11
CA ASN B 96 3.99 -32.80 -4.76
C ASN B 96 4.26 -32.18 -6.15
N ILE B 97 5.47 -31.68 -6.39
CA ILE B 97 5.76 -31.00 -7.67
C ILE B 97 6.42 -32.04 -8.59
N LEU B 98 5.83 -32.29 -9.75
CA LEU B 98 6.26 -33.43 -10.63
C LEU B 98 7.46 -33.17 -11.55
N HIS B 99 8.29 -34.21 -11.73
CA HIS B 99 9.39 -34.25 -12.72
C HIS B 99 8.83 -34.60 -14.12
N GLU B 100 9.53 -34.21 -15.18
CA GLU B 100 9.10 -34.49 -16.57
C GLU B 100 8.88 -35.98 -16.87
N LYS B 101 9.60 -36.87 -16.17
CA LYS B 101 9.45 -38.32 -16.39
C LYS B 101 8.24 -38.91 -15.66
N GLN B 102 7.45 -38.05 -15.02
CA GLN B 102 6.26 -38.46 -14.26
C GLN B 102 4.94 -38.10 -14.94
N GLN B 103 4.97 -37.89 -16.26
CA GLN B 103 3.73 -37.66 -17.03
C GLN B 103 2.70 -38.75 -16.76
N HIS B 104 3.15 -40.00 -16.60
CA HIS B 104 2.24 -41.13 -16.30
C HIS B 104 1.49 -40.99 -14.98
N VAL B 105 2.09 -40.31 -14.00
CA VAL B 105 1.42 -40.05 -12.72
C VAL B 105 0.26 -39.06 -12.90
N SER B 106 0.53 -37.95 -13.61
CA SER B 106 -0.50 -36.94 -13.89
C SER B 106 -1.66 -37.59 -14.65
N ALA B 107 -1.34 -38.41 -15.65
CA ALA B 107 -2.37 -39.10 -16.45
C ALA B 107 -3.26 -40.00 -15.60
N ARG B 108 -2.66 -40.78 -14.70
CA ARG B 108 -3.48 -41.66 -13.83
C ARG B 108 -4.41 -40.87 -12.90
N PHE B 109 -3.91 -39.78 -12.31
CA PHE B 109 -4.74 -38.95 -11.44
C PHE B 109 -5.85 -38.22 -12.20
N GLY B 110 -5.63 -37.96 -13.49
CA GLY B 110 -6.67 -37.37 -14.34
C GLY B 110 -7.68 -38.36 -14.92
N SER B 111 -7.53 -39.64 -14.59
CA SER B 111 -8.48 -40.70 -15.04
C SER B 111 -9.61 -40.95 -14.04
N ARG B 112 -10.52 -41.86 -14.40
CA ARG B 112 -11.59 -42.32 -13.49
C ARG B 112 -11.33 -43.68 -12.82
N GLU B 113 -10.06 -44.09 -12.74
CA GLU B 113 -9.67 -45.34 -12.05
C GLU B 113 -10.03 -45.29 -10.57
N PRO B 114 -10.60 -46.40 -10.02
CA PRO B 114 -11.06 -46.37 -8.62
C PRO B 114 -9.95 -46.23 -7.57
N ASP B 115 -8.77 -46.79 -7.84
CA ASP B 115 -7.64 -46.65 -6.92
C ASP B 115 -6.45 -45.99 -7.63
N LYS B 116 -6.31 -44.69 -7.43
CA LYS B 116 -5.34 -43.92 -8.20
C LYS B 116 -3.88 -44.12 -7.77
N PHE B 117 -3.67 -44.59 -6.56
CA PHE B 117 -2.33 -44.82 -6.03
C PHE B 117 -1.78 -46.21 -6.36
N ALA B 118 -2.60 -47.04 -7.04
CA ALA B 118 -2.15 -48.39 -7.46
C ALA B 118 -1.00 -48.35 -8.46
N GLY B 119 0.11 -48.97 -8.09
CA GLY B 119 1.31 -49.00 -8.93
C GLY B 119 2.17 -47.75 -8.88
N ILE B 120 1.82 -46.82 -7.98
CA ILE B 120 2.60 -45.60 -7.75
C ILE B 120 3.19 -45.58 -6.34
N ASP B 121 4.52 -45.59 -6.25
CA ASP B 121 5.23 -45.63 -4.96
C ASP B 121 5.04 -44.32 -4.15
N TRP B 122 4.63 -44.44 -2.89
CA TRP B 122 4.41 -43.29 -2.01
C TRP B 122 4.71 -43.61 -0.53
N ARG B 123 4.91 -42.58 0.29
CA ARG B 123 5.12 -42.73 1.75
C ARG B 123 4.51 -41.53 2.50
N PRO B 124 4.12 -41.70 3.78
CA PRO B 124 3.54 -40.58 4.53
C PRO B 124 4.52 -39.46 4.92
N SER B 125 4.09 -38.21 4.79
CA SER B 125 4.81 -37.06 5.32
C SER B 125 4.74 -36.99 6.85
N ASP B 126 5.46 -36.01 7.43
CA ASP B 126 5.46 -35.86 8.89
C ASP B 126 4.05 -35.60 9.45
N LEU B 127 3.26 -34.78 8.76
CA LEU B 127 1.86 -34.54 9.16
C LEU B 127 0.95 -35.74 8.86
N GLY B 128 1.34 -36.58 7.89
CA GLY B 128 0.58 -37.79 7.54
C GLY B 128 -0.14 -37.81 6.20
N SER B 129 0.38 -37.07 5.22
CA SER B 129 -0.20 -37.00 3.86
C SER B 129 0.74 -37.63 2.81
N PRO B 130 0.19 -38.18 1.71
CA PRO B 130 1.07 -38.90 0.75
C PRO B 130 2.14 -38.06 0.01
N ILE B 131 3.42 -38.45 0.15
CA ILE B 131 4.55 -38.00 -0.70
C ILE B 131 4.74 -38.98 -1.87
N ILE B 132 4.72 -38.47 -3.10
CA ILE B 132 4.96 -39.30 -4.30
C ILE B 132 6.46 -39.45 -4.56
N ASP B 133 6.96 -40.69 -4.50
CA ASP B 133 8.38 -40.98 -4.75
C ASP B 133 8.79 -40.50 -6.15
N GLY B 134 9.98 -39.93 -6.26
CA GLY B 134 10.47 -39.44 -7.56
C GLY B 134 10.11 -38.00 -7.92
N SER B 135 9.30 -37.34 -7.09
CA SER B 135 8.97 -35.92 -7.33
CA SER B 135 8.97 -35.92 -7.33
C SER B 135 10.18 -34.99 -7.16
N LEU B 136 10.10 -33.79 -7.75
CA LEU B 136 11.17 -32.78 -7.57
C LEU B 136 11.19 -32.16 -6.17
N ALA B 137 10.00 -31.95 -5.57
CA ALA B 137 9.89 -31.31 -4.25
C ALA B 137 8.51 -31.60 -3.64
N HIS B 138 8.39 -31.42 -2.32
CA HIS B 138 7.06 -31.49 -1.68
C HIS B 138 6.92 -30.48 -0.54
N ILE B 139 5.67 -30.11 -0.25
CA ILE B 139 5.36 -29.06 0.73
C ILE B 139 4.22 -29.58 1.61
N ASP B 140 4.51 -29.75 2.91
CA ASP B 140 3.58 -30.37 3.90
C ASP B 140 2.79 -29.28 4.65
N CYS B 141 1.44 -29.26 4.52
CA CYS B 141 0.59 -28.13 4.98
C CYS B 141 -0.63 -28.52 5.83
N THR B 142 -1.13 -27.56 6.62
CA THR B 142 -2.49 -27.61 7.21
C THR B 142 -3.39 -26.57 6.55
N VAL B 143 -4.70 -26.86 6.51
CA VAL B 143 -5.67 -25.90 5.97
C VAL B 143 -5.73 -24.66 6.88
N HIS B 144 -5.53 -23.48 6.30
CA HIS B 144 -5.45 -22.21 7.05
C HIS B 144 -6.71 -21.34 6.92
N ASP B 145 -7.18 -21.17 5.69
CA ASP B 145 -8.44 -20.45 5.41
C ASP B 145 -8.97 -20.88 4.04
N VAL B 146 -10.24 -20.55 3.77
CA VAL B 146 -10.95 -20.95 2.54
C VAL B 146 -11.89 -19.82 2.11
N HIS B 147 -11.83 -19.46 0.82
CA HIS B 147 -12.66 -18.38 0.24
C HIS B 147 -13.44 -18.85 -0.99
N ASP B 148 -14.61 -18.25 -1.21
CA ASP B 148 -15.38 -18.52 -2.41
C ASP B 148 -14.68 -17.89 -3.62
N GLY B 149 -14.61 -18.62 -4.73
CA GLY B 149 -14.00 -18.13 -5.97
C GLY B 149 -14.76 -18.49 -7.24
N GLY B 150 -16.03 -18.11 -7.29
CA GLY B 150 -16.86 -18.40 -8.46
C GLY B 150 -17.28 -19.85 -8.51
N ASP B 151 -16.89 -20.56 -9.57
CA ASP B 151 -17.09 -22.03 -9.67
C ASP B 151 -15.94 -22.85 -9.05
N HIS B 152 -14.98 -22.15 -8.43
CA HIS B 152 -13.90 -22.79 -7.65
C HIS B 152 -13.90 -22.26 -6.20
N PHE B 153 -13.10 -22.92 -5.33
CA PHE B 153 -12.67 -22.35 -4.04
C PHE B 153 -11.20 -21.86 -4.15
N VAL B 154 -10.80 -20.95 -3.24
CA VAL B 154 -9.38 -20.62 -3.03
C VAL B 154 -9.01 -21.06 -1.60
N VAL B 155 -8.08 -22.03 -1.51
CA VAL B 155 -7.65 -22.63 -0.23
C VAL B 155 -6.23 -22.16 0.15
N PHE B 156 -6.07 -21.61 1.36
CA PHE B 156 -4.75 -21.22 1.86
C PHE B 156 -4.18 -22.36 2.72
N GLY B 157 -2.89 -22.66 2.57
CA GLY B 157 -2.22 -23.60 3.47
C GLY B 157 -1.08 -22.98 4.27
N LYS B 158 -1.00 -23.35 5.55
CA LYS B 158 0.13 -23.00 6.40
C LYS B 158 1.21 -24.07 6.24
N VAL B 159 2.42 -23.64 5.86
CA VAL B 159 3.52 -24.57 5.61
C VAL B 159 4.16 -25.03 6.94
N HIS B 160 4.21 -26.36 7.15
CA HIS B 160 4.90 -26.97 8.32
C HIS B 160 6.24 -27.64 7.95
N GLY B 161 6.37 -28.09 6.71
CA GLY B 161 7.58 -28.75 6.22
C GLY B 161 7.79 -28.54 4.73
N LEU B 162 9.04 -28.54 4.29
CA LEU B 162 9.31 -28.63 2.86
C LEU B 162 10.68 -29.21 2.48
N SER B 163 10.74 -29.82 1.29
CA SER B 163 11.89 -30.64 0.95
C SER B 163 12.11 -30.66 -0.56
N GLU B 164 13.37 -30.68 -0.99
CA GLU B 164 13.70 -30.94 -2.40
C GLU B 164 14.74 -32.07 -2.57
N VAL B 165 14.75 -32.99 -1.60
CA VAL B 165 15.59 -34.20 -1.64
C VAL B 165 14.77 -35.48 -1.39
N PRO B 166 15.22 -36.64 -1.92
CA PRO B 166 16.39 -36.86 -2.77
C PRO B 166 16.43 -35.98 -4.03
N GLU B 167 17.62 -35.52 -4.38
CA GLU B 167 17.85 -34.65 -5.53
C GLU B 167 17.60 -35.42 -6.84
N ARG B 168 16.83 -34.82 -7.74
CA ARG B 168 16.67 -35.35 -9.10
C ARG B 168 17.09 -34.28 -10.09
N LYS B 169 17.58 -34.68 -11.26
CA LYS B 169 17.95 -33.71 -12.32
C LYS B 169 16.80 -32.70 -12.54
N PRO B 170 17.12 -31.39 -12.55
CA PRO B 170 16.06 -30.36 -12.51
C PRO B 170 15.37 -30.15 -13.87
N ARG B 171 14.38 -30.99 -14.14
CA ARG B 171 13.63 -30.98 -15.40
C ARG B 171 12.15 -31.12 -15.06
N PRO B 172 11.44 -29.99 -14.89
CA PRO B 172 10.03 -30.05 -14.42
C PRO B 172 9.02 -30.45 -15.51
N LEU B 173 7.95 -31.14 -15.09
CA LEU B 173 6.79 -31.37 -15.98
C LEU B 173 5.99 -30.07 -16.15
N LEU B 174 5.76 -29.65 -17.39
CA LEU B 174 5.00 -28.39 -17.69
C LEU B 174 3.65 -28.68 -18.36
N PHE B 175 2.74 -27.71 -18.27
CA PHE B 175 1.45 -27.76 -18.99
C PHE B 175 1.26 -26.40 -19.69
N TYR B 176 1.04 -26.43 -21.01
CA TYR B 176 1.03 -25.21 -21.85
C TYR B 176 0.11 -25.43 -23.06
N ARG B 177 -0.84 -24.53 -23.27
CA ARG B 177 -1.81 -24.65 -24.40
C ARG B 177 -2.50 -26.03 -24.46
N GLY B 178 -2.83 -26.57 -23.28
CA GLY B 178 -3.53 -27.86 -23.18
C GLY B 178 -2.73 -29.14 -23.40
N GLU B 179 -1.39 -29.02 -23.44
CA GLU B 179 -0.44 -30.13 -23.68
C GLU B 179 0.63 -30.19 -22.58
N TYR B 180 1.19 -31.39 -22.33
CA TYR B 180 2.39 -31.48 -21.50
C TYR B 180 3.63 -31.06 -22.29
N THR B 181 4.60 -30.46 -21.58
CA THR B 181 5.92 -30.16 -22.20
C THR B 181 7.04 -30.11 -21.14
N GLY B 182 8.21 -29.60 -21.53
CA GLY B 182 9.38 -29.51 -20.62
C GLY B 182 10.32 -28.40 -21.06
N ILE B 183 11.35 -28.12 -20.24
CA ILE B 183 12.27 -26.99 -20.53
C ILE B 183 13.40 -27.36 -21.52
N GLU B 184 14.01 -26.33 -22.13
CA GLU B 184 15.32 -26.45 -22.81
C GLU B 184 16.41 -25.89 -21.84
N PRO B 185 17.21 -26.76 -21.19
CA PRO B 185 18.12 -26.24 -20.13
C PRO B 185 19.21 -25.27 -20.60
N GLU B 186 19.55 -25.30 -21.90
CA GLU B 186 20.49 -24.31 -22.44
C GLU B 186 19.96 -22.87 -22.34
N LYS B 187 18.63 -22.71 -22.21
CA LYS B 187 18.00 -21.39 -22.07
C LYS B 187 18.10 -20.80 -20.65
N ASN B 188 18.49 -21.60 -19.64
CA ASN B 188 18.51 -21.13 -18.24
C ASN B 188 19.45 -19.93 -18.07
N THR B 189 18.93 -18.80 -17.59
CA THR B 189 19.70 -17.53 -17.52
C THR B 189 19.46 -16.80 -16.17
N PRO B 190 20.53 -16.43 -15.42
CA PRO B 190 20.37 -15.70 -14.14
C PRO B 190 19.60 -14.38 -14.30
N ALA B 191 18.91 -13.99 -13.22
CA ALA B 191 18.01 -12.83 -13.18
C ALA B 191 18.21 -11.99 -11.90
N GLN B 192 18.21 -10.67 -12.07
CA GLN B 192 18.43 -9.72 -10.95
C GLN B 192 17.20 -8.84 -10.69
N TRP B 193 17.00 -8.43 -9.43
CA TRP B 193 15.76 -7.75 -9.00
C TRP B 193 15.93 -6.60 -7.99
N ARG B 194 16.29 -5.43 -8.48
CA ARG B 194 16.60 -4.27 -7.62
C ARG B 194 15.40 -3.68 -6.84
N ASP B 195 14.18 -3.83 -7.36
CA ASP B 195 13.01 -3.25 -6.67
C ASP B 195 12.45 -4.21 -5.63
N ASP B 196 12.87 -4.04 -4.37
CA ASP B 196 12.47 -4.95 -3.30
C ASP B 196 10.98 -4.94 -2.99
N LEU B 197 10.31 -3.83 -3.24
CA LEU B 197 8.87 -3.70 -2.99
C LEU B 197 8.00 -4.59 -3.90
N GLU B 198 8.58 -5.10 -4.99
CA GLU B 198 7.79 -5.89 -5.97
C GLU B 198 8.40 -7.26 -6.29
N ALA B 199 9.48 -7.64 -5.62
CA ALA B 199 10.19 -8.89 -5.95
C ALA B 199 9.34 -10.16 -5.83
N PHE B 200 9.56 -11.10 -6.76
CA PHE B 200 8.91 -12.43 -6.72
C PHE B 200 9.30 -13.14 -5.42
N LEU B 201 8.40 -13.96 -4.90
CA LEU B 201 8.72 -14.75 -3.70
C LEU B 201 9.87 -15.73 -3.90
N THR B 202 10.07 -16.19 -5.13
CA THR B 202 11.09 -17.20 -5.45
C THR B 202 12.37 -16.62 -6.08
N ALA B 203 12.49 -15.28 -6.12
CA ALA B 203 13.69 -14.64 -6.66
C ALA B 203 14.90 -14.93 -5.77
N THR B 204 16.07 -15.13 -6.39
CA THR B 204 17.30 -15.48 -5.68
C THR B 204 17.84 -14.29 -4.89
N THR C 24 18.88 24.86 34.05
CA THR C 24 19.51 24.04 32.97
C THR C 24 18.66 22.83 32.62
N ALA C 25 18.11 22.17 33.64
CA ALA C 25 17.29 20.97 33.42
C ALA C 25 16.00 21.30 32.66
N GLU C 26 15.40 22.44 32.99
CA GLU C 26 14.24 22.95 32.26
C GLU C 26 14.60 23.22 30.80
N ALA C 27 15.73 23.87 30.58
CA ALA C 27 16.21 24.20 29.24
C ALA C 27 16.51 22.96 28.39
N ILE C 28 17.07 21.91 29.02
CA ILE C 28 17.34 20.66 28.30
C ILE C 28 16.05 19.89 27.96
N ASP C 29 15.11 19.87 28.91
CA ASP C 29 13.80 19.24 28.70
C ASP C 29 13.08 19.86 27.51
N GLN C 30 13.18 21.19 27.38
CA GLN C 30 12.55 21.93 26.30
C GLN C 30 13.24 21.68 24.95
N ARG C 31 14.56 21.48 24.97
CA ARG C 31 15.32 21.11 23.76
C ARG C 31 14.87 19.74 23.23
N THR C 32 14.68 18.78 24.13
CA THR C 32 14.21 17.45 23.75
C THR C 32 12.81 17.49 23.13
N PHE C 33 11.91 18.29 23.73
CA PHE C 33 10.57 18.52 23.17
C PHE C 33 10.66 19.02 21.73
N ARG C 34 11.47 20.05 21.48
CA ARG C 34 11.65 20.58 20.11
C ARG C 34 12.16 19.53 19.12
N ARG C 35 13.16 18.75 19.55
CA ARG C 35 13.72 17.70 18.68
C ARG C 35 12.73 16.59 18.34
N VAL C 36 12.08 16.04 19.37
CA VAL C 36 11.12 14.95 19.18
C VAL C 36 9.89 15.38 18.36
N LEU C 37 9.30 16.54 18.69
CA LEU C 37 8.15 17.04 17.90
C LEU C 37 8.51 17.41 16.46
N GLY C 38 9.78 17.76 16.21
CA GLY C 38 10.29 17.96 14.85
C GLY C 38 10.26 16.73 13.94
N GLN C 39 10.08 15.55 14.52
CA GLN C 39 9.88 14.33 13.70
C GLN C 39 8.55 14.29 12.92
N PHE C 40 7.57 15.11 13.30
CA PHE C 40 6.33 15.28 12.51
C PHE C 40 6.55 16.35 11.42
N CYS C 41 6.69 15.91 10.18
CA CYS C 41 6.96 16.80 9.03
C CYS C 41 5.71 17.63 8.71
N THR C 42 5.91 18.86 8.25
CA THR C 42 4.79 19.74 7.85
C THR C 42 5.12 20.54 6.58
N GLY C 43 4.08 21.05 5.93
CA GLY C 43 4.20 22.18 5.03
C GLY C 43 4.55 23.48 5.75
N VAL C 44 4.59 24.59 5.01
CA VAL C 44 4.88 25.93 5.53
C VAL C 44 3.86 26.92 4.96
N THR C 45 3.29 27.77 5.83
CA THR C 45 2.35 28.81 5.40
C THR C 45 2.86 30.22 5.74
N ILE C 46 2.41 31.21 4.97
CA ILE C 46 2.47 32.62 5.39
C ILE C 46 1.02 33.11 5.61
N ILE C 47 0.71 33.54 6.84
CA ILE C 47 -0.66 33.95 7.21
C ILE C 47 -0.65 35.48 7.29
N THR C 48 -1.58 36.13 6.60
CA THR C 48 -1.49 37.59 6.33
C THR C 48 -2.78 38.39 6.62
N THR C 49 -2.63 39.71 6.81
CA THR C 49 -3.76 40.65 6.89
C THR C 49 -3.31 42.05 6.41
N VAL C 50 -4.24 43.00 6.34
CA VAL C 50 -3.87 44.41 6.17
C VAL C 50 -4.33 45.17 7.41
N HIS C 51 -3.38 45.90 8.00
CA HIS C 51 -3.62 46.67 9.22
C HIS C 51 -3.24 48.13 8.99
N GLU C 52 -4.24 49.01 9.08
CA GLU C 52 -4.08 50.44 8.78
C GLU C 52 -3.32 50.70 7.47
N GLY C 53 -3.87 50.16 6.38
CA GLY C 53 -3.35 50.40 5.03
C GLY C 53 -2.13 49.60 4.57
N ASN C 54 -1.51 48.86 5.48
CA ASN C 54 -0.25 48.16 5.17
C ASN C 54 -0.35 46.63 5.32
N PRO C 55 0.36 45.87 4.47
CA PRO C 55 0.36 44.40 4.58
C PRO C 55 1.23 43.89 5.73
N VAL C 56 0.70 42.90 6.45
CA VAL C 56 1.38 42.29 7.61
C VAL C 56 1.29 40.76 7.48
N GLY C 57 2.30 40.04 7.96
CA GLY C 57 2.21 38.56 7.96
C GLY C 57 3.30 37.86 8.76
N PHE C 58 3.12 36.55 8.96
CA PHE C 58 4.11 35.73 9.66
C PHE C 58 4.15 34.30 9.11
N ALA C 59 5.29 33.61 9.27
CA ALA C 59 5.42 32.20 8.89
C ALA C 59 4.86 31.27 10.00
N CYS C 60 4.13 30.24 9.59
CA CYS C 60 3.47 29.32 10.52
C CYS C 60 3.51 27.85 10.02
N GLN C 61 3.85 26.90 10.89
CA GLN C 61 3.73 25.46 10.57
C GLN C 61 2.61 24.74 11.35
N SER C 62 2.05 25.41 12.36
CA SER C 62 1.01 24.85 13.25
C SER C 62 -0.40 25.02 12.69
N PHE C 63 -0.58 24.59 11.45
CA PHE C 63 -1.81 24.76 10.67
C PHE C 63 -2.48 23.40 10.39
N ALA C 64 -3.82 23.37 10.32
CA ALA C 64 -4.57 22.14 9.95
C ALA C 64 -5.97 22.41 9.37
N ALA C 65 -6.42 21.53 8.46
CA ALA C 65 -7.83 21.45 8.09
C ALA C 65 -8.62 20.93 9.30
N LEU C 66 -9.75 21.58 9.62
CA LEU C 66 -10.53 21.27 10.85
C LEU C 66 -11.90 20.63 10.59
N SER C 67 -12.71 21.23 9.71
CA SER C 67 -14.11 20.78 9.52
C SER C 67 -14.55 20.98 8.07
N LEU C 68 -15.42 20.09 7.59
CA LEU C 68 -15.97 20.20 6.23
C LEU C 68 -17.27 21.01 6.22
N ASP C 69 -18.18 20.67 7.13
CA ASP C 69 -19.47 21.37 7.27
C ASP C 69 -19.68 21.76 8.74
N PRO C 70 -19.48 23.05 9.10
CA PRO C 70 -19.07 24.18 8.23
C PRO C 70 -17.58 24.09 7.86
N PRO C 71 -17.15 24.78 6.79
CA PRO C 71 -15.73 24.70 6.38
C PRO C 71 -14.80 25.53 7.27
N LEU C 72 -13.95 24.86 8.06
CA LEU C 72 -13.05 25.49 9.03
C LEU C 72 -11.60 25.04 8.90
N VAL C 73 -10.70 25.95 9.25
CA VAL C 73 -9.27 25.64 9.46
C VAL C 73 -8.83 26.10 10.86
N LEU C 74 -7.65 25.67 11.31
CA LEU C 74 -7.03 26.25 12.54
C LEU C 74 -5.55 26.62 12.34
N PHE C 75 -5.05 27.59 13.12
CA PHE C 75 -3.60 27.84 13.23
C PHE C 75 -3.25 28.29 14.66
N CYS C 76 -1.97 28.18 15.04
CA CYS C 76 -1.58 28.43 16.44
C CYS C 76 -0.44 29.47 16.55
N PRO C 77 -0.78 30.76 16.73
CA PRO C 77 0.26 31.80 16.94
C PRO C 77 0.80 31.79 18.37
N THR C 78 2.03 32.28 18.56
CA THR C 78 2.56 32.53 19.91
C THR C 78 1.76 33.66 20.61
N LYS C 79 1.74 33.66 21.94
CA LYS C 79 1.10 34.76 22.67
C LYS C 79 1.83 36.10 22.51
N VAL C 80 3.11 36.03 22.14
CA VAL C 80 3.91 37.24 21.86
C VAL C 80 3.94 37.70 20.38
N SER C 81 3.04 37.14 19.56
CA SER C 81 2.98 37.46 18.12
C SER C 81 2.41 38.86 17.77
N ARG C 82 3.24 39.69 17.11
CA ARG C 82 2.80 40.99 16.59
C ARG C 82 1.78 40.83 15.45
N SER C 83 1.96 39.82 14.61
CA SER C 83 1.01 39.59 13.52
C SER C 83 -0.37 39.19 14.02
N TRP C 84 -0.43 38.36 15.06
CA TRP C 84 -1.72 37.99 15.66
C TRP C 84 -2.48 39.22 16.20
N LYS C 85 -1.77 40.16 16.81
CA LYS C 85 -2.42 41.40 17.26
C LYS C 85 -3.16 42.11 16.12
N ALA C 86 -2.55 42.15 14.94
CA ALA C 86 -3.15 42.78 13.75
C ALA C 86 -4.33 41.98 13.18
N ILE C 87 -4.18 40.66 13.12
CA ILE C 87 -5.27 39.78 12.67
C ILE C 87 -6.49 39.85 13.59
N GLU C 88 -6.26 39.82 14.90
CA GLU C 88 -7.35 39.91 15.87
C GLU C 88 -8.14 41.22 15.69
N ALA C 89 -7.43 42.31 15.42
CA ALA C 89 -8.07 43.60 15.21
C ALA C 89 -8.89 43.68 13.93
N SER C 90 -8.36 43.16 12.83
CA SER C 90 -9.06 43.26 11.53
C SER C 90 -10.18 42.23 11.39
N GLY C 91 -10.02 41.09 12.07
CA GLY C 91 -10.97 39.99 12.02
C GLY C 91 -10.89 39.09 10.78
N ARG C 92 -9.86 39.31 9.95
CA ARG C 92 -9.70 38.62 8.66
C ARG C 92 -8.26 38.15 8.44
N PHE C 93 -8.08 37.03 7.72
CA PHE C 93 -6.72 36.58 7.34
C PHE C 93 -6.74 35.70 6.10
N CYS C 94 -5.62 35.66 5.38
CA CYS C 94 -5.40 34.72 4.28
C CYS C 94 -4.26 33.74 4.61
N VAL C 95 -4.49 32.46 4.34
CA VAL C 95 -3.45 31.43 4.47
C VAL C 95 -2.82 31.15 3.09
N ASN C 96 -1.52 31.41 2.95
CA ASN C 96 -0.75 31.09 1.72
C ASN C 96 0.10 29.83 1.92
N ILE C 97 -0.18 28.77 1.16
CA ILE C 97 0.57 27.48 1.28
C ILE C 97 1.78 27.54 0.31
N LEU C 98 3.01 27.41 0.83
CA LEU C 98 4.22 27.72 0.04
C LEU C 98 4.77 26.58 -0.84
N HIS C 99 5.19 26.96 -2.05
CA HIS C 99 5.97 26.13 -2.98
C HIS C 99 7.46 26.04 -2.55
N GLU C 100 8.16 24.96 -2.92
CA GLU C 100 9.59 24.85 -2.58
C GLU C 100 10.45 26.00 -3.16
N LYS C 101 10.03 26.57 -4.30
CA LYS C 101 10.77 27.74 -4.86
C LYS C 101 10.64 29.02 -3.98
N GLN C 102 9.76 28.98 -2.98
CA GLN C 102 9.55 30.12 -2.08
C GLN C 102 10.32 30.03 -0.73
N GLN C 103 11.40 29.25 -0.69
CA GLN C 103 12.22 29.14 0.55
C GLN C 103 12.66 30.52 1.08
N HIS C 104 13.04 31.41 0.15
CA HIS C 104 13.42 32.81 0.42
C HIS C 104 12.34 33.64 1.12
N VAL C 105 11.07 33.40 0.78
CA VAL C 105 9.91 34.10 1.39
C VAL C 105 9.79 33.68 2.85
N SER C 106 9.86 32.38 3.11
CA SER C 106 9.80 31.87 4.46
C SER C 106 10.93 32.47 5.34
N ALA C 107 12.15 32.45 4.81
CA ALA C 107 13.32 33.03 5.51
C ALA C 107 13.15 34.52 5.80
N ARG C 108 12.59 35.27 4.85
CA ARG C 108 12.39 36.72 5.04
C ARG C 108 11.41 37.00 6.16
N PHE C 109 10.31 36.24 6.21
CA PHE C 109 9.30 36.47 7.25
C PHE C 109 9.78 36.03 8.63
N GLY C 110 10.76 35.14 8.66
CA GLY C 110 11.37 34.66 9.90
C GLY C 110 12.52 35.50 10.43
N SER C 111 12.85 36.60 9.73
CA SER C 111 13.95 37.48 10.13
C SER C 111 13.45 38.73 10.84
N ARG C 112 14.39 39.60 11.23
CA ARG C 112 14.04 40.86 11.89
C ARG C 112 14.05 42.03 10.91
N GLU C 113 14.25 41.73 9.63
CA GLU C 113 14.29 42.74 8.57
C GLU C 113 12.96 43.50 8.47
N PRO C 114 13.04 44.85 8.38
CA PRO C 114 11.82 45.64 8.21
C PRO C 114 11.23 45.54 6.79
N ASP C 115 9.97 45.96 6.64
CA ASP C 115 9.24 45.95 5.36
C ASP C 115 9.30 44.61 4.62
N LYS C 116 8.59 43.61 5.14
CA LYS C 116 8.74 42.23 4.69
C LYS C 116 8.20 41.90 3.28
N PHE C 117 7.29 42.73 2.76
CA PHE C 117 6.71 42.50 1.44
C PHE C 117 7.47 43.16 0.28
N ALA C 118 8.56 43.87 0.61
CA ALA C 118 9.38 44.54 -0.41
C ALA C 118 10.01 43.53 -1.35
N GLY C 119 9.74 43.66 -2.64
CA GLY C 119 10.25 42.73 -3.65
C GLY C 119 9.51 41.41 -3.70
N ILE C 120 8.37 41.34 -3.02
CA ILE C 120 7.49 40.16 -3.04
C ILE C 120 6.12 40.58 -3.58
N ASP C 121 5.74 40.01 -4.72
CA ASP C 121 4.49 40.36 -5.40
C ASP C 121 3.28 39.79 -4.67
N TRP C 122 2.28 40.63 -4.46
CA TRP C 122 1.04 40.23 -3.79
C TRP C 122 -0.15 41.04 -4.31
N ARG C 123 -1.36 40.54 -4.04
CA ARG C 123 -2.63 41.19 -4.43
C ARG C 123 -3.65 40.96 -3.32
N PRO C 124 -4.64 41.88 -3.15
CA PRO C 124 -5.67 41.64 -2.12
C PRO C 124 -6.69 40.56 -2.53
N SER C 125 -7.07 39.69 -1.56
CA SER C 125 -8.16 38.74 -1.74
C SER C 125 -9.51 39.46 -1.85
N ASP C 126 -10.58 38.71 -2.08
CA ASP C 126 -11.96 39.28 -2.06
C ASP C 126 -12.28 39.98 -0.73
N LEU C 127 -11.70 39.50 0.37
CA LEU C 127 -11.89 40.12 1.69
C LEU C 127 -10.81 41.17 2.06
N GLY C 128 -9.84 41.36 1.16
CA GLY C 128 -8.79 42.38 1.34
C GLY C 128 -7.44 41.95 1.89
N SER C 129 -7.29 40.66 2.17
CA SER C 129 -6.05 40.12 2.78
C SER C 129 -5.00 39.73 1.72
N PRO C 130 -3.69 39.90 2.01
CA PRO C 130 -2.64 39.60 0.97
C PRO C 130 -2.47 38.13 0.51
N ILE C 131 -2.62 37.95 -0.80
CA ILE C 131 -2.32 36.69 -1.51
C ILE C 131 -0.94 36.87 -2.15
N ILE C 132 0.00 36.02 -1.76
CA ILE C 132 1.37 36.06 -2.28
C ILE C 132 1.51 35.29 -3.60
N ASP C 133 2.00 35.96 -4.64
CA ASP C 133 2.17 35.33 -5.95
C ASP C 133 3.20 34.18 -5.92
N GLY C 134 2.90 33.10 -6.65
CA GLY C 134 3.80 31.95 -6.71
C GLY C 134 3.52 30.88 -5.67
N SER C 135 2.47 31.07 -4.87
CA SER C 135 2.09 30.04 -3.88
C SER C 135 1.36 28.87 -4.54
N LEU C 136 1.36 27.71 -3.86
CA LEU C 136 0.58 26.54 -4.35
C LEU C 136 -0.92 26.77 -4.27
N ALA C 137 -1.37 27.48 -3.23
CA ALA C 137 -2.79 27.68 -2.93
C ALA C 137 -2.99 28.79 -1.91
N HIS C 138 -4.21 29.32 -1.84
CA HIS C 138 -4.58 30.30 -0.81
C HIS C 138 -6.00 30.05 -0.29
N ILE C 139 -6.25 30.47 0.96
CA ILE C 139 -7.53 30.25 1.66
C ILE C 139 -7.91 31.57 2.33
N ASP C 140 -9.08 32.13 1.99
CA ASP C 140 -9.55 33.47 2.45
C ASP C 140 -10.52 33.28 3.63
N CYS C 141 -10.17 33.80 4.81
CA CYS C 141 -10.88 33.47 6.08
C CYS C 141 -11.31 34.65 6.95
N THR C 142 -12.27 34.40 7.86
CA THR C 142 -12.56 35.31 9.00
C THR C 142 -12.25 34.57 10.31
N VAL C 143 -11.92 35.33 11.36
CA VAL C 143 -11.73 34.75 12.69
C VAL C 143 -13.07 34.25 13.25
N HIS C 144 -13.13 32.97 13.62
CA HIS C 144 -14.39 32.32 14.02
C HIS C 144 -14.45 31.91 15.49
N ASP C 145 -13.29 31.64 16.09
CA ASP C 145 -13.19 31.25 17.51
C ASP C 145 -11.73 31.41 17.95
N VAL C 146 -11.51 31.64 19.25
CA VAL C 146 -10.16 31.73 19.87
C VAL C 146 -10.12 30.99 21.21
N HIS C 147 -9.14 30.09 21.38
CA HIS C 147 -8.94 29.37 22.64
C HIS C 147 -7.55 29.58 23.22
N ASP C 148 -7.44 29.57 24.55
CA ASP C 148 -6.11 29.53 25.23
C ASP C 148 -5.40 28.20 24.94
N GLY C 149 -4.10 28.26 24.60
CA GLY C 149 -3.33 27.04 24.31
C GLY C 149 -1.94 27.03 24.95
N GLY C 150 -1.92 27.22 26.27
CA GLY C 150 -0.65 27.31 26.99
C GLY C 150 0.11 28.60 26.69
N ASP C 151 1.31 28.46 26.11
CA ASP C 151 2.08 29.64 25.63
C ASP C 151 1.72 30.11 24.20
N HIS C 152 0.74 29.43 23.59
CA HIS C 152 0.17 29.77 22.26
C HIS C 152 -1.35 30.03 22.37
N PHE C 153 -1.96 30.58 21.31
CA PHE C 153 -3.42 30.51 21.12
C PHE C 153 -3.75 29.42 20.07
N VAL C 154 -5.00 28.96 20.06
CA VAL C 154 -5.58 28.17 18.95
C VAL C 154 -6.70 29.00 18.32
N VAL C 155 -6.54 29.34 17.03
CA VAL C 155 -7.46 30.23 16.31
C VAL C 155 -8.20 29.45 15.23
N PHE C 156 -9.54 29.50 15.23
CA PHE C 156 -10.34 28.86 14.17
C PHE C 156 -10.65 29.91 13.07
N GLY C 157 -10.52 29.53 11.82
CA GLY C 157 -10.96 30.37 10.71
C GLY C 157 -12.13 29.76 9.95
N LYS C 158 -13.13 30.58 9.62
CA LYS C 158 -14.17 30.14 8.69
C LYS C 158 -13.76 30.49 7.25
N VAL C 159 -13.87 29.52 6.35
CA VAL C 159 -13.45 29.65 4.95
C VAL C 159 -14.55 30.30 4.07
N HIS C 160 -14.20 31.41 3.40
CA HIS C 160 -15.13 32.11 2.49
C HIS C 160 -14.76 32.00 1.00
N GLY C 161 -13.51 31.64 0.71
CA GLY C 161 -13.07 31.35 -0.65
C GLY C 161 -11.72 30.65 -0.61
N LEU C 162 -11.40 29.91 -1.67
CA LEU C 162 -10.10 29.23 -1.77
C LEU C 162 -9.83 28.73 -3.19
N SER C 163 -8.55 28.59 -3.54
CA SER C 163 -8.16 28.14 -4.89
C SER C 163 -6.71 27.67 -4.93
N GLU C 164 -6.41 26.78 -5.88
CA GLU C 164 -5.04 26.38 -6.19
C GLU C 164 -4.65 26.95 -7.56
N VAL C 165 -3.37 27.28 -7.75
CA VAL C 165 -2.88 27.77 -9.04
C VAL C 165 -2.72 26.59 -10.02
N PRO C 166 -3.41 26.65 -11.18
CA PRO C 166 -3.24 25.58 -12.16
C PRO C 166 -1.93 25.67 -12.91
N GLU C 167 -1.43 24.51 -13.36
CA GLU C 167 -0.20 24.39 -14.17
C GLU C 167 1.13 24.52 -13.39
N ARG C 168 1.07 25.05 -12.17
CA ARG C 168 2.22 25.08 -11.25
C ARG C 168 2.55 23.68 -10.75
N LYS C 169 3.82 23.28 -10.88
CA LYS C 169 4.21 21.91 -10.52
C LYS C 169 4.03 21.68 -9.02
N PRO C 170 3.41 20.54 -8.64
CA PRO C 170 3.12 20.26 -7.21
C PRO C 170 4.36 19.79 -6.42
N ARG C 171 5.09 20.78 -5.90
CA ARG C 171 6.32 20.57 -5.13
C ARG C 171 6.26 21.48 -3.91
N PRO C 172 5.75 20.97 -2.77
CA PRO C 172 5.57 21.79 -1.55
C PRO C 172 6.86 22.05 -0.76
N LEU C 173 6.96 23.24 -0.14
CA LEU C 173 8.04 23.52 0.82
C LEU C 173 7.75 22.78 2.12
N LEU C 174 8.73 22.00 2.61
CA LEU C 174 8.58 21.22 3.88
C LEU C 174 9.49 21.71 5.00
N PHE C 175 9.11 21.38 6.25
CA PHE C 175 9.96 21.61 7.46
C PHE C 175 9.98 20.32 8.29
N TYR C 176 11.19 19.82 8.58
CA TYR C 176 11.39 18.50 9.23
C TYR C 176 12.69 18.50 10.04
N ARG C 177 12.58 18.13 11.32
CA ARG C 177 13.75 18.13 12.25
C ARG C 177 14.55 19.46 12.19
N GLY C 178 13.82 20.57 12.11
CA GLY C 178 14.44 21.91 12.16
C GLY C 178 15.08 22.39 10.87
N GLU C 179 14.86 21.68 9.77
CA GLU C 179 15.41 22.03 8.44
C GLU C 179 14.34 22.15 7.36
N TYR C 180 14.62 22.95 6.32
CA TYR C 180 13.78 22.92 5.11
C TYR C 180 14.09 21.67 4.29
N THR C 181 13.06 21.11 3.65
CA THR C 181 13.24 19.99 2.69
C THR C 181 12.11 20.00 1.61
N GLY C 182 11.97 18.90 0.86
CA GLY C 182 10.95 18.77 -0.20
C GLY C 182 10.69 17.30 -0.51
N ILE C 183 9.72 17.01 -1.39
CA ILE C 183 9.34 15.62 -1.72
C ILE C 183 10.20 14.96 -2.82
N GLU C 184 10.13 13.63 -2.89
CA GLU C 184 10.59 12.88 -4.07
C GLU C 184 9.33 12.42 -4.81
N PRO C 185 8.98 13.09 -5.92
CA PRO C 185 7.72 12.75 -6.60
C PRO C 185 7.62 11.32 -7.15
N GLU C 186 8.74 10.62 -7.35
CA GLU C 186 8.69 9.20 -7.73
C GLU C 186 8.09 8.29 -6.63
N LYS C 187 7.96 8.83 -5.41
CA LYS C 187 7.45 8.06 -4.27
C LYS C 187 5.92 8.16 -4.12
N ASN C 188 5.28 9.04 -4.91
CA ASN C 188 3.82 9.32 -4.79
C ASN C 188 3.00 8.07 -5.07
N THR C 189 2.11 7.72 -4.14
CA THR C 189 1.33 6.46 -4.16
C THR C 189 -0.12 6.70 -3.77
N PRO C 190 -1.08 6.23 -4.60
CA PRO C 190 -2.51 6.43 -4.24
C PRO C 190 -2.92 5.72 -2.94
N ALA C 191 -3.92 6.30 -2.27
CA ALA C 191 -4.35 5.88 -0.92
C ALA C 191 -5.85 5.67 -0.91
N GLN C 192 -6.26 4.52 -0.37
CA GLN C 192 -7.66 4.17 -0.34
C GLN C 192 -8.10 4.00 1.12
N TRP C 193 -9.36 4.33 1.39
CA TRP C 193 -9.89 4.37 2.74
C TRP C 193 -11.26 3.67 2.73
N ARG C 194 -11.56 2.95 3.80
CA ARG C 194 -12.86 2.26 3.90
C ARG C 194 -13.56 2.57 5.22
N ASP C 195 -12.80 2.94 6.26
CA ASP C 195 -13.43 3.25 7.57
C ASP C 195 -14.03 4.66 7.58
N ASP C 196 -15.33 4.75 7.36
CA ASP C 196 -15.98 6.05 7.23
C ASP C 196 -15.98 6.85 8.54
N LEU C 197 -15.87 6.17 9.68
CA LEU C 197 -15.90 6.89 10.97
C LEU C 197 -14.63 7.68 11.28
N GLU C 198 -13.55 7.42 10.53
CA GLU C 198 -12.23 8.02 10.80
C GLU C 198 -11.61 8.73 9.57
N ALA C 199 -12.45 9.06 8.60
CA ALA C 199 -12.01 9.67 7.32
C ALA C 199 -11.11 10.92 7.45
N PHE C 200 -9.97 10.94 6.75
CA PHE C 200 -9.18 12.19 6.56
C PHE C 200 -10.01 13.22 5.78
N LEU C 201 -9.90 14.50 6.13
CA LEU C 201 -10.58 15.58 5.39
C LEU C 201 -10.08 15.76 3.96
N THR C 202 -8.85 15.35 3.67
CA THR C 202 -8.21 15.59 2.37
C THR C 202 -8.10 14.33 1.51
N ALA C 203 -8.82 13.28 1.87
CA ALA C 203 -8.72 12.02 1.11
C ALA C 203 -9.39 12.14 -0.26
N THR C 204 -8.94 11.32 -1.21
CA THR C 204 -9.42 11.38 -2.59
C THR C 204 -10.79 10.71 -2.73
N VAL D 23 -29.58 33.29 8.20
CA VAL D 23 -29.54 32.54 6.90
C VAL D 23 -28.34 31.57 6.84
N THR D 24 -28.62 30.28 6.62
CA THR D 24 -27.58 29.27 6.38
C THR D 24 -27.11 29.39 4.93
N ALA D 25 -25.86 29.79 4.72
CA ALA D 25 -25.40 30.15 3.37
C ALA D 25 -24.23 29.33 2.81
N GLU D 26 -24.56 28.19 2.16
CA GLU D 26 -23.59 27.20 1.63
C GLU D 26 -22.87 27.61 0.34
N ALA D 27 -21.60 28.00 0.47
CA ALA D 27 -20.87 28.65 -0.63
C ALA D 27 -19.62 27.90 -1.14
N ILE D 28 -19.08 26.99 -0.31
CA ILE D 28 -17.84 26.25 -0.64
C ILE D 28 -18.14 24.84 -1.15
N ASP D 29 -17.69 24.53 -2.37
CA ASP D 29 -17.83 23.19 -2.93
C ASP D 29 -16.96 22.19 -2.15
N GLN D 30 -17.55 21.08 -1.71
CA GLN D 30 -16.82 20.10 -0.88
C GLN D 30 -15.62 19.44 -1.59
N ARG D 31 -15.75 19.15 -2.90
CA ARG D 31 -14.64 18.59 -3.69
C ARG D 31 -13.47 19.59 -3.76
N THR D 32 -13.79 20.87 -3.96
CA THR D 32 -12.77 21.93 -3.97
C THR D 32 -12.03 22.03 -2.62
N PHE D 33 -12.79 22.00 -1.51
CA PHE D 33 -12.19 22.01 -0.16
C PHE D 33 -11.17 20.89 0.02
N ARG D 34 -11.56 19.67 -0.36
CA ARG D 34 -10.64 18.52 -0.22
C ARG D 34 -9.34 18.66 -1.04
N ARG D 35 -9.49 19.10 -2.29
CA ARG D 35 -8.38 19.30 -3.22
C ARG D 35 -7.42 20.38 -2.73
N VAL D 36 -7.95 21.54 -2.34
CA VAL D 36 -7.11 22.69 -1.95
C VAL D 36 -6.42 22.46 -0.58
N LEU D 37 -7.15 21.94 0.42
CA LEU D 37 -6.53 21.68 1.73
C LEU D 37 -5.48 20.56 1.64
N GLY D 38 -5.60 19.71 0.62
CA GLY D 38 -4.58 18.70 0.34
C GLY D 38 -3.23 19.24 -0.09
N GLN D 39 -3.17 20.52 -0.50
CA GLN D 39 -1.87 21.14 -0.85
C GLN D 39 -0.97 21.36 0.36
N PHE D 40 -1.53 21.31 1.59
CA PHE D 40 -0.72 21.33 2.83
C PHE D 40 -0.27 19.90 3.23
N CYS D 41 1.03 19.66 3.01
CA CYS D 41 1.64 18.35 3.27
C CYS D 41 1.78 18.12 4.77
N THR D 42 1.61 16.87 5.19
CA THR D 42 1.73 16.48 6.61
C THR D 42 2.44 15.13 6.77
N GLY D 43 2.97 14.87 7.98
CA GLY D 43 3.26 13.50 8.46
C GLY D 43 2.00 12.67 8.70
N VAL D 44 2.17 11.43 9.18
CA VAL D 44 1.04 10.54 9.44
C VAL D 44 1.25 9.91 10.81
N THR D 45 0.20 9.89 11.63
CA THR D 45 0.29 9.31 13.00
C THR D 45 -0.72 8.17 13.16
N ILE D 46 -0.43 7.25 14.09
CA ILE D 46 -1.46 6.34 14.64
C ILE D 46 -1.63 6.71 16.12
N ILE D 47 -2.84 7.12 16.51
CA ILE D 47 -3.15 7.56 17.88
C ILE D 47 -3.91 6.42 18.59
N THR D 48 -3.39 6.00 19.77
CA THR D 48 -3.82 4.74 20.40
C THR D 48 -4.19 4.84 21.89
N THR D 49 -4.93 3.84 22.37
CA THR D 49 -5.22 3.64 23.81
C THR D 49 -5.55 2.15 24.09
N VAL D 50 -5.78 1.81 25.35
CA VAL D 50 -6.41 0.54 25.73
C VAL D 50 -7.78 0.84 26.36
N HIS D 51 -8.81 0.11 25.93
CA HIS D 51 -10.20 0.29 26.36
C HIS D 51 -10.90 -1.07 26.37
N GLU D 52 -11.53 -1.40 27.50
CA GLU D 52 -12.26 -2.67 27.70
C GLU D 52 -11.42 -3.91 27.31
N GLY D 53 -10.15 -3.89 27.72
CA GLY D 53 -9.25 -5.02 27.54
C GLY D 53 -8.67 -5.24 26.14
N ASN D 54 -8.89 -4.28 25.24
CA ASN D 54 -8.38 -4.35 23.86
C ASN D 54 -7.57 -3.11 23.48
N PRO D 55 -6.53 -3.28 22.64
CA PRO D 55 -5.91 -2.08 22.07
C PRO D 55 -6.82 -1.45 21.00
N VAL D 56 -6.82 -0.12 20.94
CA VAL D 56 -7.68 0.66 20.02
C VAL D 56 -6.81 1.75 19.35
N GLY D 57 -6.99 2.00 18.06
CA GLY D 57 -6.30 3.14 17.44
C GLY D 57 -6.83 3.54 16.08
N PHE D 58 -6.37 4.71 15.61
CA PHE D 58 -6.79 5.26 14.30
C PHE D 58 -5.68 6.06 13.64
N ALA D 59 -5.69 6.12 12.31
CA ALA D 59 -4.78 7.00 11.52
C ALA D 59 -5.27 8.46 11.56
N CYS D 60 -4.34 9.41 11.71
CA CYS D 60 -4.69 10.84 11.84
C CYS D 60 -3.59 11.74 11.26
N GLN D 61 -3.96 12.71 10.42
CA GLN D 61 -3.01 13.75 9.96
C GLN D 61 -3.23 15.13 10.61
N SER D 62 -4.35 15.30 11.33
CA SER D 62 -4.74 16.58 11.94
C SER D 62 -4.09 16.83 13.33
N PHE D 63 -2.78 16.58 13.41
CA PHE D 63 -1.98 16.67 14.63
C PHE D 63 -1.07 17.92 14.56
N ALA D 64 -0.81 18.56 15.72
CA ALA D 64 0.17 19.66 15.83
C ALA D 64 0.85 19.76 17.20
N ALA D 65 2.13 20.15 17.23
CA ALA D 65 2.74 20.64 18.48
C ALA D 65 2.10 21.98 18.88
N LEU D 66 1.67 22.11 20.14
CA LEU D 66 0.91 23.29 20.62
C LEU D 66 1.67 24.29 21.51
N SER D 67 2.31 23.80 22.59
CA SER D 67 2.88 24.69 23.63
C SER D 67 4.12 24.05 24.24
N LEU D 68 5.09 24.88 24.61
CA LEU D 68 6.33 24.43 25.28
C LEU D 68 6.18 24.37 26.80
N ASP D 69 5.54 25.38 27.36
CA ASP D 69 5.35 25.54 28.80
C ASP D 69 3.94 26.07 29.09
N PRO D 70 3.00 25.19 29.49
CA PRO D 70 3.16 23.74 29.72
C PRO D 70 3.30 22.96 28.39
N PRO D 71 3.88 21.75 28.44
CA PRO D 71 4.06 20.92 27.23
C PRO D 71 2.74 20.29 26.76
N LEU D 72 2.23 20.75 25.61
CA LEU D 72 0.91 20.37 25.08
C LEU D 72 1.00 20.06 23.59
N VAL D 73 0.16 19.11 23.16
CA VAL D 73 -0.08 18.82 21.72
C VAL D 73 -1.59 18.85 21.47
N LEU D 74 -2.01 18.87 20.20
CA LEU D 74 -3.44 18.69 19.83
C LEU D 74 -3.65 17.69 18.68
N PHE D 75 -4.86 17.12 18.62
CA PHE D 75 -5.31 16.35 17.43
C PHE D 75 -6.82 16.52 17.24
N CYS D 76 -7.31 16.25 16.03
CA CYS D 76 -8.73 16.51 15.69
C CYS D 76 -9.45 15.26 15.16
N PRO D 77 -10.10 14.47 16.05
CA PRO D 77 -10.92 13.35 15.57
C PRO D 77 -12.28 13.81 15.00
N THR D 78 -12.89 13.02 14.12
CA THR D 78 -14.29 13.26 13.71
C THR D 78 -15.22 13.15 14.93
N LYS D 79 -16.38 13.79 14.85
CA LYS D 79 -17.37 13.69 15.95
C LYS D 79 -17.95 12.28 16.07
N VAL D 80 -17.85 11.49 15.00
CA VAL D 80 -18.41 10.13 14.96
C VAL D 80 -17.35 9.04 15.17
N SER D 81 -16.14 9.44 15.58
CA SER D 81 -14.99 8.52 15.74
C SER D 81 -15.19 7.45 16.84
N ARG D 82 -14.99 6.19 16.47
CA ARG D 82 -14.96 5.04 17.41
C ARG D 82 -13.76 5.14 18.38
N SER D 83 -12.59 5.50 17.85
CA SER D 83 -11.38 5.62 18.69
C SER D 83 -11.50 6.75 19.71
N TRP D 84 -12.09 7.88 19.32
CA TRP D 84 -12.30 8.98 20.28
C TRP D 84 -13.17 8.56 21.50
N LYS D 85 -14.26 7.83 21.26
CA LYS D 85 -15.05 7.29 22.40
C LYS D 85 -14.18 6.50 23.40
N ALA D 86 -13.29 5.65 22.88
CA ALA D 86 -12.36 4.89 23.73
C ALA D 86 -11.32 5.76 24.48
N ILE D 87 -10.74 6.73 23.76
CA ILE D 87 -9.75 7.66 24.35
C ILE D 87 -10.38 8.55 25.45
N GLU D 88 -11.58 9.05 25.20
CA GLU D 88 -12.33 9.87 26.16
C GLU D 88 -12.62 9.09 27.48
N ALA D 89 -12.97 7.82 27.33
CA ALA D 89 -13.29 6.97 28.50
C ALA D 89 -12.05 6.58 29.32
N SER D 90 -10.95 6.27 28.64
CA SER D 90 -9.70 5.90 29.31
C SER D 90 -8.95 7.09 29.90
N GLY D 91 -9.12 8.26 29.29
CA GLY D 91 -8.43 9.47 29.72
C GLY D 91 -6.98 9.64 29.26
N ARG D 92 -6.51 8.77 28.37
CA ARG D 92 -5.08 8.77 27.92
C ARG D 92 -4.96 8.35 26.45
N PHE D 93 -3.84 8.73 25.81
CA PHE D 93 -3.51 8.31 24.42
C PHE D 93 -2.01 8.42 24.12
N CYS D 94 -1.51 7.59 23.21
CA CYS D 94 -0.14 7.69 22.68
C CYS D 94 -0.18 8.07 21.18
N VAL D 95 0.64 9.05 20.80
CA VAL D 95 0.80 9.45 19.38
C VAL D 95 2.06 8.79 18.81
N ASN D 96 1.91 7.92 17.80
CA ASN D 96 3.02 7.27 17.08
C ASN D 96 3.25 7.93 15.73
N ILE D 97 4.45 8.49 15.53
CA ILE D 97 4.81 9.16 14.24
C ILE D 97 5.44 8.14 13.29
N LEU D 98 4.83 7.91 12.12
CA LEU D 98 5.23 6.77 11.24
C LEU D 98 6.42 7.04 10.28
N HIS D 99 7.25 5.99 10.12
CA HIS D 99 8.33 5.89 9.12
C HIS D 99 7.77 5.55 7.71
N GLU D 100 8.46 5.97 6.64
CA GLU D 100 8.00 5.67 5.25
C GLU D 100 7.75 4.18 5.00
N LYS D 101 8.51 3.31 5.66
CA LYS D 101 8.34 1.85 5.50
C LYS D 101 7.09 1.28 6.18
N GLN D 102 6.35 2.14 6.90
CA GLN D 102 5.12 1.77 7.58
C GLN D 102 3.84 2.23 6.84
N GLN D 103 3.96 2.57 5.55
CA GLN D 103 2.76 2.83 4.73
C GLN D 103 1.68 1.74 4.89
N HIS D 104 2.13 0.48 4.92
CA HIS D 104 1.17 -0.63 5.05
C HIS D 104 0.40 -0.63 6.39
N VAL D 105 1.00 -0.07 7.46
CA VAL D 105 0.34 0.07 8.77
C VAL D 105 -0.79 1.12 8.69
N SER D 106 -0.50 2.31 8.14
CA SER D 106 -1.51 3.34 7.91
C SER D 106 -2.69 2.80 7.06
N ALA D 107 -2.37 2.08 5.98
CA ALA D 107 -3.43 1.48 5.13
C ALA D 107 -4.31 0.48 5.90
N ARG D 108 -3.72 -0.35 6.77
CA ARG D 108 -4.52 -1.28 7.57
C ARG D 108 -5.46 -0.54 8.56
N PHE D 109 -4.94 0.52 9.20
CA PHE D 109 -5.77 1.30 10.13
C PHE D 109 -6.90 2.05 9.41
N GLY D 110 -6.68 2.41 8.15
CA GLY D 110 -7.70 3.07 7.34
C GLY D 110 -8.81 2.18 6.82
N SER D 111 -8.62 0.87 6.96
CA SER D 111 -9.55 -0.17 6.49
C SER D 111 -10.63 -0.50 7.52
N ARG D 112 -11.50 -1.46 7.17
CA ARG D 112 -12.56 -1.92 8.09
C ARG D 112 -12.26 -3.27 8.75
N GLU D 113 -11.00 -3.73 8.67
CA GLU D 113 -10.59 -4.97 9.34
C GLU D 113 -10.96 -4.89 10.83
N PRO D 114 -11.61 -5.94 11.37
CA PRO D 114 -12.02 -5.85 12.77
C PRO D 114 -10.87 -5.94 13.77
N ASP D 115 -9.73 -6.46 13.34
CA ASP D 115 -8.56 -6.58 14.21
C ASP D 115 -7.37 -5.82 13.61
N LYS D 116 -7.27 -4.53 13.92
CA LYS D 116 -6.25 -3.69 13.26
C LYS D 116 -4.82 -3.91 13.76
N PHE D 117 -4.67 -4.38 15.00
CA PHE D 117 -3.33 -4.63 15.55
C PHE D 117 -2.79 -6.02 15.19
N ALA D 118 -3.62 -6.85 14.54
CA ALA D 118 -3.17 -8.20 14.16
C ALA D 118 -1.98 -8.18 13.20
N GLY D 119 -0.91 -8.86 13.57
CA GLY D 119 0.33 -8.87 12.77
C GLY D 119 1.19 -7.62 12.88
N ILE D 120 0.81 -6.70 13.77
CA ILE D 120 1.57 -5.47 14.03
C ILE D 120 2.13 -5.47 15.45
N ASP D 121 3.45 -5.53 15.58
CA ASP D 121 4.11 -5.58 16.89
C ASP D 121 3.97 -4.27 17.68
N TRP D 122 3.54 -4.40 18.94
CA TRP D 122 3.38 -3.25 19.83
C TRP D 122 3.71 -3.58 21.29
N ARG D 123 3.97 -2.55 22.09
CA ARG D 123 4.22 -2.67 23.54
C ARG D 123 3.57 -1.51 24.33
N PRO D 124 3.23 -1.73 25.62
CA PRO D 124 2.63 -0.62 26.40
C PRO D 124 3.59 0.52 26.81
N SER D 125 3.14 1.77 26.66
CA SER D 125 3.85 2.94 27.16
C SER D 125 3.80 3.00 28.70
N ASP D 126 4.49 3.98 29.29
CA ASP D 126 4.49 4.13 30.76
C ASP D 126 3.07 4.34 31.34
N LEU D 127 2.25 5.14 30.66
CA LEU D 127 0.85 5.36 31.09
C LEU D 127 -0.05 4.17 30.76
N GLY D 128 0.38 3.36 29.79
CA GLY D 128 -0.33 2.12 29.40
C GLY D 128 -1.03 2.11 28.05
N SER D 129 -0.51 2.87 27.08
CA SER D 129 -1.12 2.95 25.72
C SER D 129 -0.19 2.33 24.65
N PRO D 130 -0.75 1.77 23.55
CA PRO D 130 0.12 1.08 22.56
C PRO D 130 1.18 1.93 21.80
N ILE D 131 2.45 1.53 21.92
CA ILE D 131 3.56 2.05 21.10
C ILE D 131 3.80 1.06 19.94
N ILE D 132 3.76 1.55 18.70
CA ILE D 132 3.98 0.71 17.52
C ILE D 132 5.50 0.60 17.23
N ASP D 133 6.01 -0.64 17.32
CA ASP D 133 7.42 -0.92 17.04
C ASP D 133 7.81 -0.43 15.63
N GLY D 134 8.98 0.21 15.51
CA GLY D 134 9.47 0.68 14.21
C GLY D 134 9.10 2.10 13.83
N SER D 135 8.27 2.76 14.65
CA SER D 135 7.94 4.17 14.43
CA SER D 135 7.94 4.18 14.45
C SER D 135 9.17 5.09 14.61
N LEU D 136 9.10 6.30 14.06
CA LEU D 136 10.18 7.29 14.24
C LEU D 136 10.21 7.91 15.64
N ALA D 137 9.04 8.08 16.26
CA ALA D 137 8.93 8.73 17.59
C ALA D 137 7.55 8.45 18.19
N HIS D 138 7.45 8.58 19.52
CA HIS D 138 6.13 8.54 20.19
C HIS D 138 6.01 9.56 21.33
N ILE D 139 4.76 9.95 21.61
CA ILE D 139 4.43 10.97 22.61
C ILE D 139 3.32 10.43 23.53
N ASP D 140 3.62 10.23 24.81
CA ASP D 140 2.67 9.63 25.81
C ASP D 140 1.90 10.73 26.54
N CYS D 141 0.56 10.76 26.41
CA CYS D 141 -0.31 11.88 26.86
C CYS D 141 -1.51 11.50 27.73
N THR D 142 -1.99 12.46 28.54
CA THR D 142 -3.33 12.39 29.14
C THR D 142 -4.23 13.46 28.50
N VAL D 143 -5.55 13.23 28.51
CA VAL D 143 -6.51 14.20 27.96
C VAL D 143 -6.57 15.43 28.88
N HIS D 144 -6.27 16.60 28.31
CA HIS D 144 -6.18 17.87 29.05
C HIS D 144 -7.44 18.73 28.92
N ASP D 145 -7.98 18.84 27.69
CA ASP D 145 -9.21 19.60 27.38
C ASP D 145 -9.82 19.16 26.04
N VAL D 146 -11.10 19.47 25.83
CA VAL D 146 -11.82 19.14 24.59
C VAL D 146 -12.70 20.31 24.18
N HIS D 147 -12.64 20.67 22.89
CA HIS D 147 -13.44 21.79 22.34
C HIS D 147 -14.23 21.36 21.09
N ASP D 148 -15.39 22.00 20.86
CA ASP D 148 -16.19 21.80 19.65
C ASP D 148 -15.46 22.37 18.43
N GLY D 149 -15.42 21.61 17.33
CA GLY D 149 -14.81 22.04 16.08
C GLY D 149 -15.61 21.74 14.81
N GLY D 150 -16.89 22.09 14.82
CA GLY D 150 -17.76 21.88 13.65
C GLY D 150 -18.18 20.42 13.57
N ASP D 151 -17.77 19.71 12.50
CA ASP D 151 -17.95 18.24 12.41
C ASP D 151 -16.81 17.40 13.04
N HIS D 152 -15.85 18.10 13.65
CA HIS D 152 -14.74 17.44 14.39
C HIS D 152 -14.70 17.97 15.84
N PHE D 153 -13.96 17.30 16.71
CA PHE D 153 -13.53 17.88 18.01
C PHE D 153 -12.07 18.37 17.89
N VAL D 154 -11.65 19.27 18.78
CA VAL D 154 -10.20 19.56 18.99
C VAL D 154 -9.83 19.11 20.41
N VAL D 155 -8.90 18.16 20.50
CA VAL D 155 -8.49 17.56 21.78
C VAL D 155 -7.07 18.01 22.14
N PHE D 156 -6.87 18.56 23.35
CA PHE D 156 -5.54 18.89 23.84
C PHE D 156 -4.99 17.73 24.71
N GLY D 157 -3.71 17.44 24.55
CA GLY D 157 -3.06 16.45 25.41
C GLY D 157 -1.92 17.04 26.21
N LYS D 158 -1.85 16.68 27.49
CA LYS D 158 -0.70 17.01 28.33
C LYS D 158 0.39 15.95 28.16
N VAL D 159 1.59 16.36 27.77
CA VAL D 159 2.70 15.45 27.51
C VAL D 159 3.35 14.96 28.82
N HIS D 160 3.35 13.65 29.05
CA HIS D 160 4.01 13.03 30.22
C HIS D 160 5.36 12.40 29.86
N GLY D 161 5.52 11.99 28.60
CA GLY D 161 6.76 11.37 28.11
C GLY D 161 6.89 11.49 26.60
N LEU D 162 8.12 11.53 26.12
CA LEU D 162 8.35 11.43 24.68
C LEU D 162 9.73 10.86 24.32
N SER D 163 9.82 10.30 23.12
CA SER D 163 10.99 9.49 22.74
C SER D 163 11.17 9.46 21.22
N GLU D 164 12.43 9.53 20.75
CA GLU D 164 12.76 9.21 19.34
C GLU D 164 13.79 8.09 19.23
N VAL D 165 13.82 7.23 20.25
CA VAL D 165 14.70 6.03 20.25
C VAL D 165 13.88 4.75 20.50
N PRO D 166 14.33 3.59 19.97
CA PRO D 166 15.47 3.33 19.09
C PRO D 166 15.48 4.20 17.82
N GLU D 167 16.67 4.65 17.46
CA GLU D 167 16.90 5.50 16.28
C GLU D 167 16.69 4.71 14.98
N ARG D 168 15.88 5.28 14.08
CA ARG D 168 15.71 4.74 12.73
C ARG D 168 16.20 5.81 11.75
N LYS D 169 16.62 5.39 10.56
CA LYS D 169 16.97 6.34 9.49
C LYS D 169 15.82 7.37 9.29
N PRO D 170 16.14 8.68 9.25
CA PRO D 170 15.10 9.71 9.28
C PRO D 170 14.39 9.92 7.92
N ARG D 171 13.42 9.06 7.64
CA ARG D 171 12.64 9.09 6.40
C ARG D 171 11.15 8.99 6.78
N PRO D 172 10.46 10.14 6.98
CA PRO D 172 9.05 10.13 7.44
C PRO D 172 8.02 9.76 6.37
N LEU D 173 6.94 9.09 6.77
CA LEU D 173 5.77 8.90 5.90
C LEU D 173 5.00 10.22 5.73
N LEU D 174 4.77 10.64 4.48
CA LEU D 174 4.04 11.89 4.16
C LEU D 174 2.66 11.64 3.52
N PHE D 175 1.76 12.63 3.65
CA PHE D 175 0.46 12.61 2.95
C PHE D 175 0.28 13.98 2.25
N TYR D 176 0.07 13.97 0.93
CA TYR D 176 0.02 15.19 0.09
C TYR D 176 -0.94 14.96 -1.09
N ARG D 177 -1.93 15.84 -1.27
CA ARG D 177 -2.88 15.77 -2.40
C ARG D 177 -3.53 14.37 -2.49
N GLY D 178 -3.90 13.84 -1.32
CA GLY D 178 -4.63 12.56 -1.26
C GLY D 178 -3.80 11.30 -1.48
N GLU D 179 -2.48 11.44 -1.50
CA GLU D 179 -1.53 10.32 -1.75
C GLU D 179 -0.44 10.24 -0.67
N TYR D 180 0.07 9.03 -0.44
CA TYR D 180 1.30 8.88 0.36
C TYR D 180 2.55 9.26 -0.44
N THR D 181 3.56 9.82 0.25
CA THR D 181 4.86 10.15 -0.41
C THR D 181 6.00 10.17 0.63
N GLY D 182 7.19 10.68 0.26
CA GLY D 182 8.32 10.74 1.18
C GLY D 182 9.29 11.83 0.76
N ILE D 183 10.33 12.09 1.57
CA ILE D 183 11.28 13.19 1.26
C ILE D 183 12.39 12.84 0.26
N GLU D 184 12.98 13.86 -0.37
CA GLU D 184 14.30 13.74 -1.04
C GLU D 184 15.39 14.25 -0.05
N PRO D 185 16.19 13.35 0.57
CA PRO D 185 17.11 13.85 1.62
C PRO D 185 18.20 14.82 1.13
N GLU D 186 18.53 14.80 -0.17
CA GLU D 186 19.47 15.80 -0.70
C GLU D 186 18.95 17.25 -0.57
N LYS D 187 17.63 17.42 -0.41
CA LYS D 187 17.02 18.74 -0.23
C LYS D 187 17.14 19.33 1.19
N ASN D 188 17.53 18.52 2.18
CA ASN D 188 17.56 18.96 3.60
C ASN D 188 18.55 20.12 3.80
N THR D 189 18.04 21.28 4.23
CA THR D 189 18.84 22.53 4.28
C THR D 189 18.63 23.26 5.62
N PRO D 190 19.73 23.56 6.36
CA PRO D 190 19.58 24.29 7.64
C PRO D 190 18.85 25.64 7.53
N ALA D 191 18.20 26.05 8.62
CA ALA D 191 17.32 27.23 8.66
C ALA D 191 17.62 28.11 9.87
N GLN D 192 17.66 29.43 9.66
CA GLN D 192 17.84 30.40 10.75
C GLN D 192 16.57 31.20 11.05
N TRP D 193 16.42 31.65 12.30
CA TRP D 193 15.23 32.38 12.76
C TRP D 193 15.58 33.48 13.78
N ARG D 194 15.94 34.65 13.29
CA ARG D 194 16.30 35.78 14.15
C ARG D 194 15.09 36.45 14.84
N ASP D 195 13.90 36.25 14.28
CA ASP D 195 12.64 36.75 14.86
C ASP D 195 12.11 35.72 15.86
N ASP D 196 12.60 35.83 17.10
CA ASP D 196 12.29 34.87 18.16
C ASP D 196 10.83 34.87 18.56
N LEU D 197 10.15 35.99 18.32
CA LEU D 197 8.77 36.15 18.75
C LEU D 197 7.79 35.27 17.96
N GLU D 198 8.08 35.02 16.68
CA GLU D 198 7.18 34.23 15.83
C GLU D 198 7.77 32.86 15.45
N ALA D 199 8.87 32.45 16.08
CA ALA D 199 9.55 31.20 15.70
C ALA D 199 8.67 29.94 15.88
N PHE D 200 8.88 28.97 14.97
CA PHE D 200 8.20 27.66 15.03
C PHE D 200 8.58 26.96 16.32
N LEU D 201 7.67 26.16 16.86
CA LEU D 201 7.96 25.42 18.09
C LEU D 201 9.15 24.46 17.90
N THR D 202 9.31 23.93 16.68
CA THR D 202 10.32 22.91 16.40
C THR D 202 11.61 23.49 15.79
N ALA D 203 11.68 24.82 15.70
CA ALA D 203 12.86 25.48 15.14
C ALA D 203 14.00 25.48 16.15
N THR D 204 15.17 25.06 15.69
CA THR D 204 16.35 24.95 16.55
C THR D 204 17.29 26.13 16.30
C1 GOL E . 8.99 2.80 18.54
O1 GOL E . 9.68 1.64 19.01
C2 GOL E . 9.72 4.10 18.91
O2 GOL E . 8.84 5.22 18.75
C3 GOL E . 10.21 4.10 20.36
O3 GOL E . 10.64 2.82 20.75
#